data_1U6N
# 
_entry.id   1U6N 
# 
_audit_conform.dict_name       mmcif_pdbx.dic 
_audit_conform.dict_version    5.392 
_audit_conform.dict_location   http://mmcif.pdb.org/dictionaries/ascii/mmcif_pdbx.dic 
# 
loop_
_database_2.database_id 
_database_2.database_code 
_database_2.pdbx_database_accession 
_database_2.pdbx_DOI 
PDB   1U6N         pdb_00001u6n 10.2210/pdb1u6n/pdb 
RCSB  RCSB023311   ?            ?                   
WWPDB D_1000023311 ?            ?                   
# 
loop_
_pdbx_audit_revision_history.ordinal 
_pdbx_audit_revision_history.data_content_type 
_pdbx_audit_revision_history.major_revision 
_pdbx_audit_revision_history.minor_revision 
_pdbx_audit_revision_history.revision_date 
1 'Structure model' 1 0 2004-08-10 
2 'Structure model' 1 1 2008-04-30 
3 'Structure model' 1 2 2011-07-13 
4 'Structure model' 1 3 2022-03-02 
5 'Structure model' 1 4 2024-05-22 
# 
_pdbx_audit_revision_details.ordinal             1 
_pdbx_audit_revision_details.revision_ordinal    1 
_pdbx_audit_revision_details.data_content_type   'Structure model' 
_pdbx_audit_revision_details.provider            repository 
_pdbx_audit_revision_details.type                'Initial release' 
_pdbx_audit_revision_details.description         ? 
_pdbx_audit_revision_details.details             ? 
# 
loop_
_pdbx_audit_revision_group.ordinal 
_pdbx_audit_revision_group.revision_ordinal 
_pdbx_audit_revision_group.data_content_type 
_pdbx_audit_revision_group.group 
1 2 'Structure model' 'Version format compliance' 
2 3 'Structure model' 'Version format compliance' 
3 4 'Structure model' 'Database references'       
4 4 'Structure model' 'Derived calculations'      
5 5 'Structure model' 'Data collection'           
# 
loop_
_pdbx_audit_revision_category.ordinal 
_pdbx_audit_revision_category.revision_ordinal 
_pdbx_audit_revision_category.data_content_type 
_pdbx_audit_revision_category.category 
1 4 'Structure model' database_2            
2 4 'Structure model' pdbx_struct_assembly  
3 4 'Structure model' pdbx_struct_oper_list 
4 4 'Structure model' struct_conn           
5 5 'Structure model' chem_comp_atom        
6 5 'Structure model' chem_comp_bond        
# 
loop_
_pdbx_audit_revision_item.ordinal 
_pdbx_audit_revision_item.revision_ordinal 
_pdbx_audit_revision_item.data_content_type 
_pdbx_audit_revision_item.item 
1 4 'Structure model' '_database_2.pdbx_DOI'                
2 4 'Structure model' '_database_2.pdbx_database_accession' 
3 4 'Structure model' '_struct_conn.pdbx_leaving_atom_flag' 
# 
_pdbx_database_status.status_code                     REL 
_pdbx_database_status.entry_id                        1U6N 
_pdbx_database_status.recvd_initial_deposition_date   2004-07-30 
_pdbx_database_status.deposit_site                    RCSB 
_pdbx_database_status.process_site                    RCSB 
_pdbx_database_status.status_code_sf                  ? 
_pdbx_database_status.status_code_mr                  ? 
_pdbx_database_status.SG_entry                        ? 
_pdbx_database_status.pdb_format_compatible           Y 
_pdbx_database_status.status_code_cs                  ? 
_pdbx_database_status.status_code_nmr_data            ? 
_pdbx_database_status.methods_development_category    ? 
# 
_pdbx_database_related.db_name        PDB 
_pdbx_database_related.db_id          1U6O 
_pdbx_database_related.details        . 
_pdbx_database_related.content_type   unspecified 
# 
loop_
_audit_author.name 
_audit_author.pdbx_ordinal 
'Scholdberg, T.A.' 1 
'Merritt, W.K.'    2 
'Dean, S.M.'       3 
'Kowalcyzk, A.'    4 
'Harris, T.M.'     5 
'Harris, C.M.'     6 
'Lloyd, R.S.'      7 
'Stone, M.P.'      8 
# 
_citation.id                        primary 
_citation.title                     
;Structure of an Oligodeoxynucleotide Containing a Butadiene Oxide-Derived N1 Beta-Hydroxyalkyl Deoxyinosine Adduct in the Human N-ras Codon 61 Sequence.
;
_citation.journal_abbrev            Biochemistry 
_citation.journal_volume            44 
_citation.page_first                3327 
_citation.page_last                 3337 
_citation.year                      2005 
_citation.journal_id_ASTM           BICHAW 
_citation.country                   US 
_citation.journal_id_ISSN           0006-2960 
_citation.journal_id_CSD            0033 
_citation.book_publisher            ? 
_citation.pdbx_database_id_PubMed   15736943 
_citation.pdbx_database_id_DOI      10.1021/bi0482452 
# 
loop_
_citation_author.citation_id 
_citation_author.name 
_citation_author.ordinal 
_citation_author.identifier_ORCID 
primary 'Scholdberg, T.A.' 1 ? 
primary 'Merritt, W.K.'    2 ? 
primary 'Dean, S.M.'       3 ? 
primary 'Kowalcyzk, A.'    4 ? 
primary 'Harris, C.M.'     5 ? 
primary 'Harris, T.M.'     6 ? 
primary 'Rizzo, C.J.'      7 ? 
primary 'Lloyd, R.S.'      8 ? 
primary 'Stone, M.P.'      9 ? 
# 
loop_
_entity.id 
_entity.type 
_entity.src_method 
_entity.pdbx_description 
_entity.formula_weight 
_entity.pdbx_number_of_molecules 
_entity.pdbx_ec 
_entity.pdbx_mutation 
_entity.pdbx_fragment 
_entity.details 
1 polymer syn "5'-D(*CP*GP*GP*AP*CP*(2BD)P*AP*GP*AP*AP*G)-3'" 3487.337 1 ? ? ? ? 
2 polymer syn "5'-D(*CP*TP*TP*CP*TP*TP*GP*TP*CP*CP*G)-3'"     3291.145 1 ? ? ? ? 
# 
loop_
_entity_poly.entity_id 
_entity_poly.type 
_entity_poly.nstd_linkage 
_entity_poly.nstd_monomer 
_entity_poly.pdbx_seq_one_letter_code 
_entity_poly.pdbx_seq_one_letter_code_can 
_entity_poly.pdbx_strand_id 
_entity_poly.pdbx_target_identifier 
1 polydeoxyribonucleotide no yes '(DC)(DG)(DG)(DA)(DC)(2BD)(DA)(DG)(DA)(DA)(DG)' CGGACIAGAAG A ? 
2 polydeoxyribonucleotide no no  '(DC)(DT)(DT)(DC)(DT)(DT)(DG)(DT)(DC)(DC)(DG)'  CTTCTTGTCCG B ? 
# 
loop_
_entity_poly_seq.entity_id 
_entity_poly_seq.num 
_entity_poly_seq.mon_id 
_entity_poly_seq.hetero 
1 1  DC  n 
1 2  DG  n 
1 3  DG  n 
1 4  DA  n 
1 5  DC  n 
1 6  2BD n 
1 7  DA  n 
1 8  DG  n 
1 9  DA  n 
1 10 DA  n 
1 11 DG  n 
2 1  DC  n 
2 2  DT  n 
2 3  DT  n 
2 4  DC  n 
2 5  DT  n 
2 6  DT  n 
2 7  DG  n 
2 8  DT  n 
2 9  DC  n 
2 10 DC  n 
2 11 DG  n 
# 
loop_
_chem_comp.id 
_chem_comp.type 
_chem_comp.mon_nstd_flag 
_chem_comp.name 
_chem_comp.pdbx_synonyms 
_chem_comp.formula 
_chem_comp.formula_weight 
2BD 'DNA linking' n 
;N1-(1-HYDROXY-3-BUTEN-2(S)-YL)-2'-DEOXYINOSINE MONO PHOSPHORIC ACID
;
? 'C14 H19 N4 O8 P' 402.296 
DA  'DNA linking' y "2'-DEOXYADENOSINE-5'-MONOPHOSPHATE"                                  ? 'C10 H14 N5 O6 P' 331.222 
DC  'DNA linking' y "2'-DEOXYCYTIDINE-5'-MONOPHOSPHATE"                                   ? 'C9 H14 N3 O7 P'  307.197 
DG  'DNA linking' y "2'-DEOXYGUANOSINE-5'-MONOPHOSPHATE"                                  ? 'C10 H14 N5 O7 P' 347.221 
DT  'DNA linking' y "THYMIDINE-5'-MONOPHOSPHATE"                                          ? 'C10 H15 N2 O8 P' 322.208 
# 
loop_
_pdbx_poly_seq_scheme.asym_id 
_pdbx_poly_seq_scheme.entity_id 
_pdbx_poly_seq_scheme.seq_id 
_pdbx_poly_seq_scheme.mon_id 
_pdbx_poly_seq_scheme.ndb_seq_num 
_pdbx_poly_seq_scheme.pdb_seq_num 
_pdbx_poly_seq_scheme.auth_seq_num 
_pdbx_poly_seq_scheme.pdb_mon_id 
_pdbx_poly_seq_scheme.auth_mon_id 
_pdbx_poly_seq_scheme.pdb_strand_id 
_pdbx_poly_seq_scheme.pdb_ins_code 
_pdbx_poly_seq_scheme.hetero 
A 1 1  DC  1  1  1  DC  C   A . n 
A 1 2  DG  2  2  2  DG  G   A . n 
A 1 3  DG  3  3  3  DG  G   A . n 
A 1 4  DA  4  4  4  DA  A   A . n 
A 1 5  DC  5  5  5  DC  C   A . n 
A 1 6  2BD 6  6  6  2BD DRG A . n 
A 1 7  DA  7  7  7  DA  A   A . n 
A 1 8  DG  8  8  8  DG  G   A . n 
A 1 9  DA  9  9  9  DA  A   A . n 
A 1 10 DA  10 10 10 DA  A   A . n 
A 1 11 DG  11 11 11 DG  G   A . n 
B 2 1  DC  1  12 12 DC  C   B . n 
B 2 2  DT  2  13 13 DT  T   B . n 
B 2 3  DT  3  14 14 DT  T   B . n 
B 2 4  DC  4  15 15 DC  C   B . n 
B 2 5  DT  5  16 16 DT  T   B . n 
B 2 6  DT  6  17 17 DT  T   B . n 
B 2 7  DG  7  18 18 DG  G   B . n 
B 2 8  DT  8  19 19 DT  T   B . n 
B 2 9  DC  9  20 20 DC  C   B . n 
B 2 10 DC  10 21 21 DC  C   B . n 
B 2 11 DG  11 22 22 DG  G   B . n 
# 
_exptl.entry_id          1U6N 
_exptl.method            'SOLUTION NMR' 
_exptl.crystals_number   ? 
# 
_exptl_crystal.id                    1 
_exptl_crystal.density_meas          ? 
_exptl_crystal.density_Matthews      ? 
_exptl_crystal.density_percent_sol   ? 
_exptl_crystal.description           ? 
_exptl_crystal.F_000                 ? 
_exptl_crystal.preparation           ? 
# 
_diffrn.id                     1 
_diffrn.ambient_temp           ? 
_diffrn.ambient_temp_details   ? 
_diffrn.crystal_id             1 
# 
_diffrn_radiation.diffrn_id                        1 
_diffrn_radiation.wavelength_id                    1 
_diffrn_radiation.pdbx_monochromatic_or_laue_m_l   M 
_diffrn_radiation.monochromator                    ? 
_diffrn_radiation.pdbx_diffrn_protocol             'SINGLE WAVELENGTH' 
_diffrn_radiation.pdbx_scattering_type             ? 
# 
_diffrn_radiation_wavelength.id           1 
_diffrn_radiation_wavelength.wavelength   . 
_diffrn_radiation_wavelength.wt           1.0 
# 
_struct.entry_id                  1U6N 
_struct.title                     
;Solution Structure of an Oligodeoxynucleotide Containing a Butadiene Derived N1 b-Hydroxyalkyl Adduct on Deoxyinosine in the Human N-ras Codon 61 Sequence
;
_struct.pdbx_model_details        ? 
_struct.pdbx_CASP_flag            ? 
_struct.pdbx_model_type_details   'minimized average' 
# 
_struct_keywords.entry_id        1U6N 
_struct_keywords.pdbx_keywords   DNA 
_struct_keywords.text            'butadiene, deoxyinosine, Ras61, DNA' 
# 
loop_
_struct_asym.id 
_struct_asym.pdbx_blank_PDB_chainid_flag 
_struct_asym.pdbx_modified 
_struct_asym.entity_id 
_struct_asym.details 
A N N 1 ? 
B N N 2 ? 
# 
loop_
_struct_ref.id 
_struct_ref.entity_id 
_struct_ref.db_name 
_struct_ref.db_code 
_struct_ref.pdbx_db_accession 
_struct_ref.pdbx_db_isoform 
_struct_ref.pdbx_seq_one_letter_code 
_struct_ref.pdbx_align_begin 
1 1 PDB 1U6N 1U6N ? ? ? 
2 2 PDB 1U6N 1U6N ? ? ? 
# 
loop_
_struct_ref_seq.align_id 
_struct_ref_seq.ref_id 
_struct_ref_seq.pdbx_PDB_id_code 
_struct_ref_seq.pdbx_strand_id 
_struct_ref_seq.seq_align_beg 
_struct_ref_seq.pdbx_seq_align_beg_ins_code 
_struct_ref_seq.seq_align_end 
_struct_ref_seq.pdbx_seq_align_end_ins_code 
_struct_ref_seq.pdbx_db_accession 
_struct_ref_seq.db_align_beg 
_struct_ref_seq.pdbx_db_align_beg_ins_code 
_struct_ref_seq.db_align_end 
_struct_ref_seq.pdbx_db_align_end_ins_code 
_struct_ref_seq.pdbx_auth_seq_align_beg 
_struct_ref_seq.pdbx_auth_seq_align_end 
1 1 1U6N A 1 ? 11 ? 1U6N 1  ? 11 ? 1  11 
2 2 1U6N B 1 ? 11 ? 1U6N 12 ? 22 ? 12 22 
# 
_pdbx_struct_assembly.id                   1 
_pdbx_struct_assembly.details              author_defined_assembly 
_pdbx_struct_assembly.method_details       ? 
_pdbx_struct_assembly.oligomeric_details   dimeric 
_pdbx_struct_assembly.oligomeric_count     2 
# 
_pdbx_struct_assembly_gen.assembly_id       1 
_pdbx_struct_assembly_gen.oper_expression   1 
_pdbx_struct_assembly_gen.asym_id_list      A,B 
# 
_pdbx_struct_oper_list.id                   1 
_pdbx_struct_oper_list.type                 'identity operation' 
_pdbx_struct_oper_list.name                 1_555 
_pdbx_struct_oper_list.symmetry_operation   x,y,z 
_pdbx_struct_oper_list.matrix[1][1]         1.0000000000 
_pdbx_struct_oper_list.matrix[1][2]         0.0000000000 
_pdbx_struct_oper_list.matrix[1][3]         0.0000000000 
_pdbx_struct_oper_list.vector[1]            0.0000000000 
_pdbx_struct_oper_list.matrix[2][1]         0.0000000000 
_pdbx_struct_oper_list.matrix[2][2]         1.0000000000 
_pdbx_struct_oper_list.matrix[2][3]         0.0000000000 
_pdbx_struct_oper_list.vector[2]            0.0000000000 
_pdbx_struct_oper_list.matrix[3][1]         0.0000000000 
_pdbx_struct_oper_list.matrix[3][2]         0.0000000000 
_pdbx_struct_oper_list.matrix[3][3]         1.0000000000 
_pdbx_struct_oper_list.vector[3]            0.0000000000 
# 
_struct_biol.id   1 
# 
loop_
_struct_conn.id 
_struct_conn.conn_type_id 
_struct_conn.pdbx_leaving_atom_flag 
_struct_conn.pdbx_PDB_id 
_struct_conn.ptnr1_label_asym_id 
_struct_conn.ptnr1_label_comp_id 
_struct_conn.ptnr1_label_seq_id 
_struct_conn.ptnr1_label_atom_id 
_struct_conn.pdbx_ptnr1_label_alt_id 
_struct_conn.pdbx_ptnr1_PDB_ins_code 
_struct_conn.pdbx_ptnr1_standard_comp_id 
_struct_conn.ptnr1_symmetry 
_struct_conn.ptnr2_label_asym_id 
_struct_conn.ptnr2_label_comp_id 
_struct_conn.ptnr2_label_seq_id 
_struct_conn.ptnr2_label_atom_id 
_struct_conn.pdbx_ptnr2_label_alt_id 
_struct_conn.pdbx_ptnr2_PDB_ins_code 
_struct_conn.ptnr1_auth_asym_id 
_struct_conn.ptnr1_auth_comp_id 
_struct_conn.ptnr1_auth_seq_id 
_struct_conn.ptnr2_auth_asym_id 
_struct_conn.ptnr2_auth_comp_id 
_struct_conn.ptnr2_auth_seq_id 
_struct_conn.ptnr2_symmetry 
_struct_conn.pdbx_ptnr3_label_atom_id 
_struct_conn.pdbx_ptnr3_label_seq_id 
_struct_conn.pdbx_ptnr3_label_comp_id 
_struct_conn.pdbx_ptnr3_label_asym_id 
_struct_conn.pdbx_ptnr3_label_alt_id 
_struct_conn.pdbx_ptnr3_PDB_ins_code 
_struct_conn.details 
_struct_conn.pdbx_dist_value 
_struct_conn.pdbx_value_order 
_struct_conn.pdbx_role 
covale1  covale both ? A DC  5  "O3'" ? ? ? 1_555 A 2BD 6  P     ? ? A DC  5  A 2BD 6  1_555 ? ? ? ? ? ? ?            1.693 ? ? 
covale2  covale one  ? A DC  5  "O3'" ? ? ? 1_555 A 2BD 6  "O5'" ? ? A DC  5  A 2BD 6  1_555 ? ? ? ? ? ? ?            2.008 ? ? 
covale3  covale both ? A 2BD 6  "O3'" ? ? ? 1_555 A DA  7  P     ? ? A 2BD 6  A DA  7  1_555 ? ? ? ? ? ? ?            1.627 ? ? 
hydrog1  hydrog ?    ? A DC  1  N3    ? ? ? 1_555 B DG  11 N1    ? ? A DC  1  B DG  22 1_555 ? ? ? ? ? ? WATSON-CRICK ?     ? ? 
hydrog2  hydrog ?    ? A DC  1  N4    ? ? ? 1_555 B DG  11 O6    ? ? A DC  1  B DG  22 1_555 ? ? ? ? ? ? WATSON-CRICK ?     ? ? 
hydrog3  hydrog ?    ? A DC  1  O2    ? ? ? 1_555 B DG  11 N2    ? ? A DC  1  B DG  22 1_555 ? ? ? ? ? ? WATSON-CRICK ?     ? ? 
hydrog4  hydrog ?    ? A DG  2  N1    ? ? ? 1_555 B DC  10 N3    ? ? A DG  2  B DC  21 1_555 ? ? ? ? ? ? WATSON-CRICK ?     ? ? 
hydrog5  hydrog ?    ? A DG  2  N2    ? ? ? 1_555 B DC  10 O2    ? ? A DG  2  B DC  21 1_555 ? ? ? ? ? ? WATSON-CRICK ?     ? ? 
hydrog6  hydrog ?    ? A DG  2  O6    ? ? ? 1_555 B DC  10 N4    ? ? A DG  2  B DC  21 1_555 ? ? ? ? ? ? WATSON-CRICK ?     ? ? 
hydrog7  hydrog ?    ? A DG  3  N1    ? ? ? 1_555 B DC  9  N3    ? ? A DG  3  B DC  20 1_555 ? ? ? ? ? ? WATSON-CRICK ?     ? ? 
hydrog8  hydrog ?    ? A DG  3  N2    ? ? ? 1_555 B DC  9  O2    ? ? A DG  3  B DC  20 1_555 ? ? ? ? ? ? WATSON-CRICK ?     ? ? 
hydrog9  hydrog ?    ? A DG  3  O6    ? ? ? 1_555 B DC  9  N4    ? ? A DG  3  B DC  20 1_555 ? ? ? ? ? ? WATSON-CRICK ?     ? ? 
hydrog10 hydrog ?    ? A DA  4  N1    ? ? ? 1_555 B DT  8  N3    ? ? A DA  4  B DT  19 1_555 ? ? ? ? ? ? WATSON-CRICK ?     ? ? 
hydrog11 hydrog ?    ? A DA  4  N6    ? ? ? 1_555 B DT  8  O4    ? ? A DA  4  B DT  19 1_555 ? ? ? ? ? ? WATSON-CRICK ?     ? ? 
hydrog12 hydrog ?    ? A DC  5  N3    ? ? ? 1_555 B DG  7  N1    ? ? A DC  5  B DG  18 1_555 ? ? ? ? ? ? WATSON-CRICK ?     ? ? 
hydrog13 hydrog ?    ? A DC  5  N4    ? ? ? 1_555 B DG  7  O6    ? ? A DC  5  B DG  18 1_555 ? ? ? ? ? ? WATSON-CRICK ?     ? ? 
hydrog14 hydrog ?    ? A DC  5  O2    ? ? ? 1_555 B DG  7  N2    ? ? A DC  5  B DG  18 1_555 ? ? ? ? ? ? WATSON-CRICK ?     ? ? 
hydrog15 hydrog ?    ? A DA  7  N1    ? ? ? 1_555 B DT  5  N3    ? ? A DA  7  B DT  16 1_555 ? ? ? ? ? ? WATSON-CRICK ?     ? ? 
hydrog16 hydrog ?    ? A DA  7  N6    ? ? ? 1_555 B DT  5  O4    ? ? A DA  7  B DT  16 1_555 ? ? ? ? ? ? WATSON-CRICK ?     ? ? 
hydrog17 hydrog ?    ? A DG  8  N1    ? ? ? 1_555 B DC  4  N3    ? ? A DG  8  B DC  15 1_555 ? ? ? ? ? ? WATSON-CRICK ?     ? ? 
hydrog18 hydrog ?    ? A DG  8  N2    ? ? ? 1_555 B DC  4  O2    ? ? A DG  8  B DC  15 1_555 ? ? ? ? ? ? WATSON-CRICK ?     ? ? 
hydrog19 hydrog ?    ? A DG  8  O6    ? ? ? 1_555 B DC  4  N4    ? ? A DG  8  B DC  15 1_555 ? ? ? ? ? ? WATSON-CRICK ?     ? ? 
hydrog20 hydrog ?    ? A DA  9  N1    ? ? ? 1_555 B DT  3  N3    ? ? A DA  9  B DT  14 1_555 ? ? ? ? ? ? WATSON-CRICK ?     ? ? 
hydrog21 hydrog ?    ? A DA  9  N6    ? ? ? 1_555 B DT  3  O4    ? ? A DA  9  B DT  14 1_555 ? ? ? ? ? ? WATSON-CRICK ?     ? ? 
hydrog22 hydrog ?    ? A DA  10 N1    ? ? ? 1_555 B DT  2  N3    ? ? A DA  10 B DT  13 1_555 ? ? ? ? ? ? WATSON-CRICK ?     ? ? 
hydrog23 hydrog ?    ? A DA  10 N6    ? ? ? 1_555 B DT  2  O4    ? ? A DA  10 B DT  13 1_555 ? ? ? ? ? ? WATSON-CRICK ?     ? ? 
hydrog24 hydrog ?    ? A DG  11 N1    ? ? ? 1_555 B DC  1  N3    ? ? A DG  11 B DC  12 1_555 ? ? ? ? ? ? WATSON-CRICK ?     ? ? 
hydrog25 hydrog ?    ? A DG  11 N2    ? ? ? 1_555 B DC  1  O2    ? ? A DG  11 B DC  12 1_555 ? ? ? ? ? ? WATSON-CRICK ?     ? ? 
hydrog26 hydrog ?    ? A DG  11 O6    ? ? ? 1_555 B DC  1  N4    ? ? A DG  11 B DC  12 1_555 ? ? ? ? ? ? WATSON-CRICK ?     ? ? 
# 
loop_
_struct_conn_type.id 
_struct_conn_type.criteria 
_struct_conn_type.reference 
covale ? ? 
hydrog ? ? 
# 
_pdbx_validate_close_contact.id               1 
_pdbx_validate_close_contact.PDB_model_num    1 
_pdbx_validate_close_contact.auth_atom_id_1   H41 
_pdbx_validate_close_contact.auth_asym_id_1   A 
_pdbx_validate_close_contact.auth_comp_id_1   DC 
_pdbx_validate_close_contact.auth_seq_id_1    1 
_pdbx_validate_close_contact.PDB_ins_code_1   ? 
_pdbx_validate_close_contact.label_alt_id_1   ? 
_pdbx_validate_close_contact.auth_atom_id_2   O6 
_pdbx_validate_close_contact.auth_asym_id_2   B 
_pdbx_validate_close_contact.auth_comp_id_2   DG 
_pdbx_validate_close_contact.auth_seq_id_2    22 
_pdbx_validate_close_contact.PDB_ins_code_2   ? 
_pdbx_validate_close_contact.label_alt_id_2   ? 
_pdbx_validate_close_contact.dist             1.31 
# 
loop_
_pdbx_validate_rmsd_bond.id 
_pdbx_validate_rmsd_bond.PDB_model_num 
_pdbx_validate_rmsd_bond.auth_atom_id_1 
_pdbx_validate_rmsd_bond.auth_asym_id_1 
_pdbx_validate_rmsd_bond.auth_comp_id_1 
_pdbx_validate_rmsd_bond.auth_seq_id_1 
_pdbx_validate_rmsd_bond.PDB_ins_code_1 
_pdbx_validate_rmsd_bond.label_alt_id_1 
_pdbx_validate_rmsd_bond.auth_atom_id_2 
_pdbx_validate_rmsd_bond.auth_asym_id_2 
_pdbx_validate_rmsd_bond.auth_comp_id_2 
_pdbx_validate_rmsd_bond.auth_seq_id_2 
_pdbx_validate_rmsd_bond.PDB_ins_code_2 
_pdbx_validate_rmsd_bond.label_alt_id_2 
_pdbx_validate_rmsd_bond.bond_value 
_pdbx_validate_rmsd_bond.bond_target_value 
_pdbx_validate_rmsd_bond.bond_deviation 
_pdbx_validate_rmsd_bond.bond_standard_deviation 
_pdbx_validate_rmsd_bond.linker_flag 
1 1 "O3'" A DC 5  ? ? "C3'" A DC  5  ? ? 1.563 1.435 0.128  0.013 N 
2 1 "O3'" A DC 5  ? ? P     A 2BD 6  ? ? 1.693 1.607 0.086  0.012 Y 
3 1 "C3'" B DT 17 ? ? "C2'" B DT  17 ? ? 1.466 1.516 -0.050 0.008 N 
# 
loop_
_pdbx_validate_rmsd_angle.id 
_pdbx_validate_rmsd_angle.PDB_model_num 
_pdbx_validate_rmsd_angle.auth_atom_id_1 
_pdbx_validate_rmsd_angle.auth_asym_id_1 
_pdbx_validate_rmsd_angle.auth_comp_id_1 
_pdbx_validate_rmsd_angle.auth_seq_id_1 
_pdbx_validate_rmsd_angle.PDB_ins_code_1 
_pdbx_validate_rmsd_angle.label_alt_id_1 
_pdbx_validate_rmsd_angle.auth_atom_id_2 
_pdbx_validate_rmsd_angle.auth_asym_id_2 
_pdbx_validate_rmsd_angle.auth_comp_id_2 
_pdbx_validate_rmsd_angle.auth_seq_id_2 
_pdbx_validate_rmsd_angle.PDB_ins_code_2 
_pdbx_validate_rmsd_angle.label_alt_id_2 
_pdbx_validate_rmsd_angle.auth_atom_id_3 
_pdbx_validate_rmsd_angle.auth_asym_id_3 
_pdbx_validate_rmsd_angle.auth_comp_id_3 
_pdbx_validate_rmsd_angle.auth_seq_id_3 
_pdbx_validate_rmsd_angle.PDB_ins_code_3 
_pdbx_validate_rmsd_angle.label_alt_id_3 
_pdbx_validate_rmsd_angle.angle_value 
_pdbx_validate_rmsd_angle.angle_target_value 
_pdbx_validate_rmsd_angle.angle_deviation 
_pdbx_validate_rmsd_angle.angle_standard_deviation 
_pdbx_validate_rmsd_angle.linker_flag 
1  1 "O4'" A DC 1  ? ? "C1'" A DC  1  ? ? N1    A DC  1  ? ? 127.01 108.30 18.71  0.30 N 
2  1 "O4'" A DG 2  ? ? "C1'" A DG  2  ? ? N9    A DG  2  ? ? 112.17 108.30 3.87   0.30 N 
3  1 N7    A DG 2  ? ? C8    A DG  2  ? ? N9    A DG  2  ? ? 117.93 113.10 4.83   0.50 N 
4  1 C8    A DG 2  ? ? N9    A DG  2  ? ? C4    A DG  2  ? ? 103.70 106.40 -2.70  0.40 N 
5  1 "O4'" A DG 3  ? ? "C1'" A DG  3  ? ? N9    A DG  3  ? ? 111.10 108.30 2.80   0.30 N 
6  1 N7    A DG 3  ? ? C8    A DG  3  ? ? N9    A DG  3  ? ? 117.72 113.10 4.62   0.50 N 
7  1 C8    A DG 3  ? ? N9    A DG  3  ? ? C4    A DG  3  ? ? 103.53 106.40 -2.87  0.40 N 
8  1 "O4'" A DA 4  ? ? "C1'" A DA  4  ? ? N9    A DA  4  ? ? 110.58 108.30 2.28   0.30 N 
9  1 N7    A DA 4  ? ? C8    A DA  4  ? ? N9    A DA  4  ? ? 117.78 113.80 3.98   0.50 N 
10 1 C8    A DA 4  ? ? N9    A DA  4  ? ? C4    A DA  4  ? ? 103.27 105.80 -2.53  0.40 N 
11 1 "O4'" A DC 5  ? ? "C1'" A DC  5  ? ? N1    A DC  5  ? ? 112.01 108.30 3.71   0.30 N 
12 1 "O3'" A DC 5  ? ? P     A 2BD 6  ? ? "O5'" A 2BD 6  ? ? 75.11  104.00 -28.89 1.90 Y 
13 1 "O3'" A DC 5  ? ? P     A 2BD 6  ? ? OP1   A 2BD 6  ? ? 84.70  105.20 -20.50 2.20 Y 
14 1 "O4'" A DA 7  ? ? "C1'" A DA  7  ? ? N9    A DA  7  ? ? 110.86 108.30 2.56   0.30 N 
15 1 N7    A DA 7  ? ? C8    A DA  7  ? ? N9    A DA  7  ? ? 117.99 113.80 4.19   0.50 N 
16 1 C8    A DA 7  ? ? N9    A DA  7  ? ? C4    A DA  7  ? ? 102.94 105.80 -2.86  0.40 N 
17 1 "O4'" A DG 8  ? ? "C1'" A DG  8  ? ? N9    A DG  8  ? ? 112.73 108.30 4.43   0.30 N 
18 1 N7    A DG 8  ? ? C8    A DG  8  ? ? N9    A DG  8  ? ? 117.67 113.10 4.57   0.50 N 
19 1 C8    A DG 8  ? ? N9    A DG  8  ? ? C4    A DG  8  ? ? 103.53 106.40 -2.87  0.40 N 
20 1 "O4'" A DA 9  ? ? "C1'" A DA  9  ? ? N9    A DA  9  ? ? 102.98 108.00 -5.02  0.70 N 
21 1 N7    A DA 9  ? ? C8    A DA  9  ? ? N9    A DA  9  ? ? 117.59 113.80 3.79   0.50 N 
22 1 C8    A DA 9  ? ? N9    A DA  9  ? ? C4    A DA  9  ? ? 102.73 105.80 -3.07  0.40 N 
23 1 "O4'" A DA 10 ? ? "C1'" A DA  10 ? ? N9    A DA  10 ? ? 111.20 108.30 2.90   0.30 N 
24 1 N7    A DA 10 ? ? C8    A DA  10 ? ? N9    A DA  10 ? ? 117.86 113.80 4.06   0.50 N 
25 1 C8    A DA 10 ? ? N9    A DA  10 ? ? C4    A DA  10 ? ? 103.01 105.80 -2.79  0.40 N 
26 1 "O4'" A DG 11 ? ? "C1'" A DG  11 ? ? N9    A DG  11 ? ? 112.44 108.30 4.14   0.30 N 
27 1 N7    A DG 11 ? ? C8    A DG  11 ? ? N9    A DG  11 ? ? 117.24 113.10 4.14   0.50 N 
28 1 C8    A DG 11 ? ? N9    A DG  11 ? ? C4    A DG  11 ? ? 103.63 106.40 -2.77  0.40 N 
29 1 "O4'" B DC 12 ? ? "C1'" B DC  12 ? ? N1    B DC  12 ? ? 111.88 108.30 3.58   0.30 N 
30 1 C4    B DT 13 ? ? C5    B DT  13 ? ? C6    B DT  13 ? ? 121.68 118.00 3.68   0.60 N 
31 1 C6    B DT 13 ? ? C5    B DT  13 ? ? C7    B DT  13 ? ? 119.13 122.90 -3.77  0.60 N 
32 1 "O4'" B DT 14 ? ? "C1'" B DT  14 ? ? N1    B DT  14 ? ? 112.80 108.30 4.50   0.30 N 
33 1 "O4'" B DC 15 ? ? "C1'" B DC  15 ? ? N1    B DC  15 ? ? 113.80 108.30 5.50   0.30 N 
34 1 "O4'" B DT 16 ? ? "C1'" B DT  16 ? ? N1    B DT  16 ? ? 111.33 108.30 3.03   0.30 N 
35 1 "O4'" B DG 18 ? ? "C1'" B DG  18 ? ? N9    B DG  18 ? ? 112.03 108.30 3.73   0.30 N 
36 1 N7    B DG 18 ? ? C8    B DG  18 ? ? N9    B DG  18 ? ? 117.46 113.10 4.36   0.50 N 
37 1 C8    B DG 18 ? ? N9    B DG  18 ? ? C4    B DG  18 ? ? 102.92 106.40 -3.48  0.40 N 
38 1 "O4'" B DT 19 ? ? "C1'" B DT  19 ? ? N1    B DT  19 ? ? 112.77 108.30 4.47   0.30 N 
39 1 C4    B DT 19 ? ? C5    B DT  19 ? ? C6    B DT  19 ? ? 121.80 118.00 3.80   0.60 N 
40 1 C6    B DT 19 ? ? C5    B DT  19 ? ? C7    B DT  19 ? ? 119.12 122.90 -3.78  0.60 N 
41 1 "O4'" B DC 20 ? ? "C1'" B DC  20 ? ? N1    B DC  20 ? ? 110.58 108.30 2.28   0.30 N 
42 1 "O4'" B DG 22 ? ? "C1'" B DG  22 ? ? N9    B DG  22 ? ? 111.70 108.30 3.40   0.30 N 
43 1 N7    B DG 22 ? ? C8    B DG  22 ? ? N9    B DG  22 ? ? 117.58 113.10 4.48   0.50 N 
44 1 C8    B DG 22 ? ? N9    B DG  22 ? ? C4    B DG  22 ? ? 102.97 106.40 -3.43  0.40 N 
# 
_pdbx_validate_chiral.id              1 
_pdbx_validate_chiral.PDB_model_num   1 
_pdbx_validate_chiral.auth_atom_id    "C3'" 
_pdbx_validate_chiral.label_alt_id    ? 
_pdbx_validate_chiral.auth_asym_id    A 
_pdbx_validate_chiral.auth_comp_id    2BD 
_pdbx_validate_chiral.auth_seq_id     6 
_pdbx_validate_chiral.PDB_ins_code    ? 
_pdbx_validate_chiral.details         PLANAR 
_pdbx_validate_chiral.omega           . 
# 
_pdbx_struct_mod_residue.id               1 
_pdbx_struct_mod_residue.label_asym_id    A 
_pdbx_struct_mod_residue.label_comp_id    2BD 
_pdbx_struct_mod_residue.label_seq_id     6 
_pdbx_struct_mod_residue.auth_asym_id     A 
_pdbx_struct_mod_residue.auth_comp_id     2BD 
_pdbx_struct_mod_residue.auth_seq_id      6 
_pdbx_struct_mod_residue.PDB_ins_code     ? 
_pdbx_struct_mod_residue.parent_comp_id   DI 
_pdbx_struct_mod_residue.details          ? 
# 
_pdbx_nmr_ensemble.entry_id                             1U6N 
_pdbx_nmr_ensemble.conformers_calculated_total_number   ? 
_pdbx_nmr_ensemble.conformers_submitted_total_number    1 
_pdbx_nmr_ensemble.conformer_selection_criteria         ? 
# 
_pdbx_nmr_representative.entry_id             1U6N 
_pdbx_nmr_representative.conformer_id         ? 
_pdbx_nmr_representative.selection_criteria   'minimized average structure' 
# 
loop_
_pdbx_nmr_exptl.experiment_id 
_pdbx_nmr_exptl.solution_id 
_pdbx_nmr_exptl.conditions_id 
_pdbx_nmr_exptl.type 
1 1 1 '2D NOESY' 
2 1 1 '2D TOCSY' 
3 1 1 DQF-COSY   
# 
_pdbx_nmr_refine.entry_id           1U6N 
_pdbx_nmr_refine.method             
'distance geometry,simulated annealing,molecular dynamics,matrix relaxation,torsion angle dynamics' 
_pdbx_nmr_refine.details            ? 
_pdbx_nmr_refine.software_ordinal   1 
# 
loop_
_chem_comp_atom.comp_id 
_chem_comp_atom.atom_id 
_chem_comp_atom.type_symbol 
_chem_comp_atom.pdbx_aromatic_flag 
_chem_comp_atom.pdbx_stereo_config 
_chem_comp_atom.pdbx_ordinal 
2BD P      P N N 1   
2BD OP1    O N N 2   
2BD OP2    O N N 3   
2BD OP3    O N N 4   
2BD "O5'"  O N N 5   
2BD "C5'"  C N N 6   
2BD "C4'"  C N R 7   
2BD "O4'"  O N N 8   
2BD "C1'"  C N R 9   
2BD O6     O N N 10  
2BD C6     C N N 11  
2BD C5     C Y N 12  
2BD N7     N Y N 13  
2BD C8     C Y N 14  
2BD N9     N Y N 15  
2BD C4     C Y N 16  
2BD N3     N N N 17  
2BD C2     C N N 18  
2BD N1     N N N 19  
2BD CAN    C N S 20  
2BD CAL    C N N 21  
2BD CAM    C N N 22  
2BD CAO    C N N 23  
2BD OAP    O N N 24  
2BD "C2'"  C N N 25  
2BD "C3'"  C N S 26  
2BD "O3'"  O N N 27  
2BD HOP2   H N N 28  
2BD HOP3   H N N 29  
2BD "H5'"  H N N 30  
2BD "H5''" H N N 31  
2BD "H4'"  H N N 32  
2BD "H1'"  H N N 33  
2BD H8     H N N 34  
2BD H2     H N N 35  
2BD HAN    H N N 36  
2BD HAL2   H N N 37  
2BD HAM1   H N N 38  
2BD HAM2   H N N 39  
2BD HAO1   H N N 40  
2BD HAO2   H N N 41  
2BD HAP    H N N 42  
2BD "H2'"  H N N 43  
2BD "H2''" H N N 44  
2BD "H3'"  H N N 45  
2BD "HO3'" H N N 46  
DA  OP3    O N N 47  
DA  P      P N N 48  
DA  OP1    O N N 49  
DA  OP2    O N N 50  
DA  "O5'"  O N N 51  
DA  "C5'"  C N N 52  
DA  "C4'"  C N R 53  
DA  "O4'"  O N N 54  
DA  "C3'"  C N S 55  
DA  "O3'"  O N N 56  
DA  "C2'"  C N N 57  
DA  "C1'"  C N R 58  
DA  N9     N Y N 59  
DA  C8     C Y N 60  
DA  N7     N Y N 61  
DA  C5     C Y N 62  
DA  C6     C Y N 63  
DA  N6     N N N 64  
DA  N1     N Y N 65  
DA  C2     C Y N 66  
DA  N3     N Y N 67  
DA  C4     C Y N 68  
DA  HOP3   H N N 69  
DA  HOP2   H N N 70  
DA  "H5'"  H N N 71  
DA  "H5''" H N N 72  
DA  "H4'"  H N N 73  
DA  "H3'"  H N N 74  
DA  "HO3'" H N N 75  
DA  "H2'"  H N N 76  
DA  "H2''" H N N 77  
DA  "H1'"  H N N 78  
DA  H8     H N N 79  
DA  H61    H N N 80  
DA  H62    H N N 81  
DA  H2     H N N 82  
DC  OP3    O N N 83  
DC  P      P N N 84  
DC  OP1    O N N 85  
DC  OP2    O N N 86  
DC  "O5'"  O N N 87  
DC  "C5'"  C N N 88  
DC  "C4'"  C N R 89  
DC  "O4'"  O N N 90  
DC  "C3'"  C N S 91  
DC  "O3'"  O N N 92  
DC  "C2'"  C N N 93  
DC  "C1'"  C N R 94  
DC  N1     N N N 95  
DC  C2     C N N 96  
DC  O2     O N N 97  
DC  N3     N N N 98  
DC  C4     C N N 99  
DC  N4     N N N 100 
DC  C5     C N N 101 
DC  C6     C N N 102 
DC  HOP3   H N N 103 
DC  HOP2   H N N 104 
DC  "H5'"  H N N 105 
DC  "H5''" H N N 106 
DC  "H4'"  H N N 107 
DC  "H3'"  H N N 108 
DC  "HO3'" H N N 109 
DC  "H2'"  H N N 110 
DC  "H2''" H N N 111 
DC  "H1'"  H N N 112 
DC  H41    H N N 113 
DC  H42    H N N 114 
DC  H5     H N N 115 
DC  H6     H N N 116 
DG  OP3    O N N 117 
DG  P      P N N 118 
DG  OP1    O N N 119 
DG  OP2    O N N 120 
DG  "O5'"  O N N 121 
DG  "C5'"  C N N 122 
DG  "C4'"  C N R 123 
DG  "O4'"  O N N 124 
DG  "C3'"  C N S 125 
DG  "O3'"  O N N 126 
DG  "C2'"  C N N 127 
DG  "C1'"  C N R 128 
DG  N9     N Y N 129 
DG  C8     C Y N 130 
DG  N7     N Y N 131 
DG  C5     C Y N 132 
DG  C6     C N N 133 
DG  O6     O N N 134 
DG  N1     N N N 135 
DG  C2     C N N 136 
DG  N2     N N N 137 
DG  N3     N N N 138 
DG  C4     C Y N 139 
DG  HOP3   H N N 140 
DG  HOP2   H N N 141 
DG  "H5'"  H N N 142 
DG  "H5''" H N N 143 
DG  "H4'"  H N N 144 
DG  "H3'"  H N N 145 
DG  "HO3'" H N N 146 
DG  "H2'"  H N N 147 
DG  "H2''" H N N 148 
DG  "H1'"  H N N 149 
DG  H8     H N N 150 
DG  H1     H N N 151 
DG  H21    H N N 152 
DG  H22    H N N 153 
DT  OP3    O N N 154 
DT  P      P N N 155 
DT  OP1    O N N 156 
DT  OP2    O N N 157 
DT  "O5'"  O N N 158 
DT  "C5'"  C N N 159 
DT  "C4'"  C N R 160 
DT  "O4'"  O N N 161 
DT  "C3'"  C N S 162 
DT  "O3'"  O N N 163 
DT  "C2'"  C N N 164 
DT  "C1'"  C N R 165 
DT  N1     N N N 166 
DT  C2     C N N 167 
DT  O2     O N N 168 
DT  N3     N N N 169 
DT  C4     C N N 170 
DT  O4     O N N 171 
DT  C5     C N N 172 
DT  C7     C N N 173 
DT  C6     C N N 174 
DT  HOP3   H N N 175 
DT  HOP2   H N N 176 
DT  "H5'"  H N N 177 
DT  "H5''" H N N 178 
DT  "H4'"  H N N 179 
DT  "H3'"  H N N 180 
DT  "HO3'" H N N 181 
DT  "H2'"  H N N 182 
DT  "H2''" H N N 183 
DT  "H1'"  H N N 184 
DT  H3     H N N 185 
DT  H71    H N N 186 
DT  H72    H N N 187 
DT  H73    H N N 188 
DT  H6     H N N 189 
# 
loop_
_chem_comp_bond.comp_id 
_chem_comp_bond.atom_id_1 
_chem_comp_bond.atom_id_2 
_chem_comp_bond.value_order 
_chem_comp_bond.pdbx_aromatic_flag 
_chem_comp_bond.pdbx_stereo_config 
_chem_comp_bond.pdbx_ordinal 
2BD P     OP1    doub N N 1   
2BD P     OP2    sing N N 2   
2BD P     OP3    sing N N 3   
2BD P     "O5'"  sing N N 4   
2BD OP2   HOP2   sing N N 5   
2BD OP3   HOP3   sing N N 6   
2BD "O5'" "C5'"  sing N N 7   
2BD "C5'" "C4'"  sing N N 8   
2BD "C5'" "H5'"  sing N N 9   
2BD "C5'" "H5''" sing N N 10  
2BD "C4'" "O4'"  sing N N 11  
2BD "C4'" "C3'"  sing N N 12  
2BD "C4'" "H4'"  sing N N 13  
2BD "O4'" "C1'"  sing N N 14  
2BD "C1'" N9     sing N N 15  
2BD "C1'" "C2'"  sing N N 16  
2BD "C1'" "H1'"  sing N N 17  
2BD O6    C6     doub N N 18  
2BD C6    C5     sing N N 19  
2BD C6    N1     sing N N 20  
2BD C5    N7     sing Y N 21  
2BD C5    C4     doub Y N 22  
2BD N7    C8     doub Y N 23  
2BD C8    N9     sing Y N 24  
2BD C8    H8     sing N N 25  
2BD N9    C4     sing Y N 26  
2BD C4    N3     sing N N 27  
2BD N3    C2     doub N N 28  
2BD C2    N1     sing N N 29  
2BD C2    H2     sing N N 30  
2BD N1    CAN    sing N N 31  
2BD CAN   CAL    sing N N 32  
2BD CAN   CAO    sing N N 33  
2BD CAN   HAN    sing N N 34  
2BD CAL   CAM    doub N N 35  
2BD CAL   HAL2   sing N N 36  
2BD CAM   HAM1   sing N N 37  
2BD CAM   HAM2   sing N N 38  
2BD CAO   OAP    sing N N 39  
2BD CAO   HAO1   sing N N 40  
2BD CAO   HAO2   sing N N 41  
2BD OAP   HAP    sing N N 42  
2BD "C2'" "C3'"  sing N N 43  
2BD "C2'" "H2'"  sing N N 44  
2BD "C2'" "H2''" sing N N 45  
2BD "C3'" "O3'"  sing N N 46  
2BD "C3'" "H3'"  sing N N 47  
2BD "O3'" "HO3'" sing N N 48  
DA  OP3   P      sing N N 49  
DA  OP3   HOP3   sing N N 50  
DA  P     OP1    doub N N 51  
DA  P     OP2    sing N N 52  
DA  P     "O5'"  sing N N 53  
DA  OP2   HOP2   sing N N 54  
DA  "O5'" "C5'"  sing N N 55  
DA  "C5'" "C4'"  sing N N 56  
DA  "C5'" "H5'"  sing N N 57  
DA  "C5'" "H5''" sing N N 58  
DA  "C4'" "O4'"  sing N N 59  
DA  "C4'" "C3'"  sing N N 60  
DA  "C4'" "H4'"  sing N N 61  
DA  "O4'" "C1'"  sing N N 62  
DA  "C3'" "O3'"  sing N N 63  
DA  "C3'" "C2'"  sing N N 64  
DA  "C3'" "H3'"  sing N N 65  
DA  "O3'" "HO3'" sing N N 66  
DA  "C2'" "C1'"  sing N N 67  
DA  "C2'" "H2'"  sing N N 68  
DA  "C2'" "H2''" sing N N 69  
DA  "C1'" N9     sing N N 70  
DA  "C1'" "H1'"  sing N N 71  
DA  N9    C8     sing Y N 72  
DA  N9    C4     sing Y N 73  
DA  C8    N7     doub Y N 74  
DA  C8    H8     sing N N 75  
DA  N7    C5     sing Y N 76  
DA  C5    C6     sing Y N 77  
DA  C5    C4     doub Y N 78  
DA  C6    N6     sing N N 79  
DA  C6    N1     doub Y N 80  
DA  N6    H61    sing N N 81  
DA  N6    H62    sing N N 82  
DA  N1    C2     sing Y N 83  
DA  C2    N3     doub Y N 84  
DA  C2    H2     sing N N 85  
DA  N3    C4     sing Y N 86  
DC  OP3   P      sing N N 87  
DC  OP3   HOP3   sing N N 88  
DC  P     OP1    doub N N 89  
DC  P     OP2    sing N N 90  
DC  P     "O5'"  sing N N 91  
DC  OP2   HOP2   sing N N 92  
DC  "O5'" "C5'"  sing N N 93  
DC  "C5'" "C4'"  sing N N 94  
DC  "C5'" "H5'"  sing N N 95  
DC  "C5'" "H5''" sing N N 96  
DC  "C4'" "O4'"  sing N N 97  
DC  "C4'" "C3'"  sing N N 98  
DC  "C4'" "H4'"  sing N N 99  
DC  "O4'" "C1'"  sing N N 100 
DC  "C3'" "O3'"  sing N N 101 
DC  "C3'" "C2'"  sing N N 102 
DC  "C3'" "H3'"  sing N N 103 
DC  "O3'" "HO3'" sing N N 104 
DC  "C2'" "C1'"  sing N N 105 
DC  "C2'" "H2'"  sing N N 106 
DC  "C2'" "H2''" sing N N 107 
DC  "C1'" N1     sing N N 108 
DC  "C1'" "H1'"  sing N N 109 
DC  N1    C2     sing N N 110 
DC  N1    C6     sing N N 111 
DC  C2    O2     doub N N 112 
DC  C2    N3     sing N N 113 
DC  N3    C4     doub N N 114 
DC  C4    N4     sing N N 115 
DC  C4    C5     sing N N 116 
DC  N4    H41    sing N N 117 
DC  N4    H42    sing N N 118 
DC  C5    C6     doub N N 119 
DC  C5    H5     sing N N 120 
DC  C6    H6     sing N N 121 
DG  OP3   P      sing N N 122 
DG  OP3   HOP3   sing N N 123 
DG  P     OP1    doub N N 124 
DG  P     OP2    sing N N 125 
DG  P     "O5'"  sing N N 126 
DG  OP2   HOP2   sing N N 127 
DG  "O5'" "C5'"  sing N N 128 
DG  "C5'" "C4'"  sing N N 129 
DG  "C5'" "H5'"  sing N N 130 
DG  "C5'" "H5''" sing N N 131 
DG  "C4'" "O4'"  sing N N 132 
DG  "C4'" "C3'"  sing N N 133 
DG  "C4'" "H4'"  sing N N 134 
DG  "O4'" "C1'"  sing N N 135 
DG  "C3'" "O3'"  sing N N 136 
DG  "C3'" "C2'"  sing N N 137 
DG  "C3'" "H3'"  sing N N 138 
DG  "O3'" "HO3'" sing N N 139 
DG  "C2'" "C1'"  sing N N 140 
DG  "C2'" "H2'"  sing N N 141 
DG  "C2'" "H2''" sing N N 142 
DG  "C1'" N9     sing N N 143 
DG  "C1'" "H1'"  sing N N 144 
DG  N9    C8     sing Y N 145 
DG  N9    C4     sing Y N 146 
DG  C8    N7     doub Y N 147 
DG  C8    H8     sing N N 148 
DG  N7    C5     sing Y N 149 
DG  C5    C6     sing N N 150 
DG  C5    C4     doub Y N 151 
DG  C6    O6     doub N N 152 
DG  C6    N1     sing N N 153 
DG  N1    C2     sing N N 154 
DG  N1    H1     sing N N 155 
DG  C2    N2     sing N N 156 
DG  C2    N3     doub N N 157 
DG  N2    H21    sing N N 158 
DG  N2    H22    sing N N 159 
DG  N3    C4     sing N N 160 
DT  OP3   P      sing N N 161 
DT  OP3   HOP3   sing N N 162 
DT  P     OP1    doub N N 163 
DT  P     OP2    sing N N 164 
DT  P     "O5'"  sing N N 165 
DT  OP2   HOP2   sing N N 166 
DT  "O5'" "C5'"  sing N N 167 
DT  "C5'" "C4'"  sing N N 168 
DT  "C5'" "H5'"  sing N N 169 
DT  "C5'" "H5''" sing N N 170 
DT  "C4'" "O4'"  sing N N 171 
DT  "C4'" "C3'"  sing N N 172 
DT  "C4'" "H4'"  sing N N 173 
DT  "O4'" "C1'"  sing N N 174 
DT  "C3'" "O3'"  sing N N 175 
DT  "C3'" "C2'"  sing N N 176 
DT  "C3'" "H3'"  sing N N 177 
DT  "O3'" "HO3'" sing N N 178 
DT  "C2'" "C1'"  sing N N 179 
DT  "C2'" "H2'"  sing N N 180 
DT  "C2'" "H2''" sing N N 181 
DT  "C1'" N1     sing N N 182 
DT  "C1'" "H1'"  sing N N 183 
DT  N1    C2     sing N N 184 
DT  N1    C6     sing N N 185 
DT  C2    O2     doub N N 186 
DT  C2    N3     sing N N 187 
DT  N3    C4     sing N N 188 
DT  N3    H3     sing N N 189 
DT  C4    O4     doub N N 190 
DT  C4    C5     sing N N 191 
DT  C5    C7     sing N N 192 
DT  C5    C6     doub N N 193 
DT  C7    H71    sing N N 194 
DT  C7    H72    sing N N 195 
DT  C7    H73    sing N N 196 
DT  C6    H6     sing N N 197 
# 
loop_
_ndb_struct_conf_na.entry_id 
_ndb_struct_conf_na.feature 
1U6N 'double helix'         
1U6N 'b-form double helix'  
1U6N 'mismatched base pair' 
# 
loop_
_ndb_struct_na_base_pair.model_number 
_ndb_struct_na_base_pair.i_label_asym_id 
_ndb_struct_na_base_pair.i_label_comp_id 
_ndb_struct_na_base_pair.i_label_seq_id 
_ndb_struct_na_base_pair.i_symmetry 
_ndb_struct_na_base_pair.j_label_asym_id 
_ndb_struct_na_base_pair.j_label_comp_id 
_ndb_struct_na_base_pair.j_label_seq_id 
_ndb_struct_na_base_pair.j_symmetry 
_ndb_struct_na_base_pair.shear 
_ndb_struct_na_base_pair.stretch 
_ndb_struct_na_base_pair.stagger 
_ndb_struct_na_base_pair.buckle 
_ndb_struct_na_base_pair.propeller 
_ndb_struct_na_base_pair.opening 
_ndb_struct_na_base_pair.pair_number 
_ndb_struct_na_base_pair.pair_name 
_ndb_struct_na_base_pair.i_auth_asym_id 
_ndb_struct_na_base_pair.i_auth_seq_id 
_ndb_struct_na_base_pair.i_PDB_ins_code 
_ndb_struct_na_base_pair.j_auth_asym_id 
_ndb_struct_na_base_pair.j_auth_seq_id 
_ndb_struct_na_base_pair.j_PDB_ins_code 
_ndb_struct_na_base_pair.hbond_type_28 
_ndb_struct_na_base_pair.hbond_type_12 
1 A DC 1  1_555 B DG 11 1_555 0.307  -0.543 0.252  1.399   11.926  -9.777  1  A_DC1:DG22_B  A 1  ? B 22 ? 19 1 
1 A DG 2  1_555 B DC 10 1_555 0.386  -0.292 0.678  15.575  -12.715 -11.110 2  A_DG2:DC21_B  A 2  ? B 21 ? 19 1 
1 A DG 3  1_555 B DC 9  1_555 -0.143 -0.130 -0.252 -20.997 -22.807 -3.179  3  A_DG3:DC20_B  A 3  ? B 20 ? 19 1 
1 A DA 4  1_555 B DT 8  1_555 0.151  0.077  0.916  -1.718  -2.760  -2.810  4  A_DA4:DT19_B  A 4  ? B 19 ? 20 1 
1 A DC 5  1_555 B DG 7  1_555 -0.058 0.172  -0.127 3.167   -17.338 0.306   5  A_DC5:DG18_B  A 5  ? B 18 ? 19 1 
1 A DA 7  1_555 B DT 5  1_555 0.106  -0.273 0.956  0.854   -15.286 -13.929 6  A_DA7:DT16_B  A 7  ? B 16 ? 20 1 
1 A DG 8  1_555 B DC 4  1_555 0.099  -0.305 1.231  9.527   -4.531  -6.586  7  A_DG8:DC15_B  A 8  ? B 15 ? 19 1 
1 A DA 9  1_555 B DT 3  1_555 0.484  0.050  0.192  9.272   -4.594  -4.791  8  A_DA9:DT14_B  A 9  ? B 14 ? 20 1 
1 A DA 10 1_555 B DT 2  1_555 0.071  -0.054 -0.363 -7.682  -24.868 -7.852  9  A_DA10:DT13_B A 10 ? B 13 ? 20 1 
1 A DG 11 1_555 B DC 1  1_555 0.016  -0.053 -0.165 -5.662  6.938   -2.277  10 A_DG11:DC12_B A 11 ? B 12 ? 19 1 
# 
loop_
_ndb_struct_na_base_pair_step.model_number 
_ndb_struct_na_base_pair_step.i_label_asym_id_1 
_ndb_struct_na_base_pair_step.i_label_comp_id_1 
_ndb_struct_na_base_pair_step.i_label_seq_id_1 
_ndb_struct_na_base_pair_step.i_symmetry_1 
_ndb_struct_na_base_pair_step.j_label_asym_id_1 
_ndb_struct_na_base_pair_step.j_label_comp_id_1 
_ndb_struct_na_base_pair_step.j_label_seq_id_1 
_ndb_struct_na_base_pair_step.j_symmetry_1 
_ndb_struct_na_base_pair_step.i_label_asym_id_2 
_ndb_struct_na_base_pair_step.i_label_comp_id_2 
_ndb_struct_na_base_pair_step.i_label_seq_id_2 
_ndb_struct_na_base_pair_step.i_symmetry_2 
_ndb_struct_na_base_pair_step.j_label_asym_id_2 
_ndb_struct_na_base_pair_step.j_label_comp_id_2 
_ndb_struct_na_base_pair_step.j_label_seq_id_2 
_ndb_struct_na_base_pair_step.j_symmetry_2 
_ndb_struct_na_base_pair_step.shift 
_ndb_struct_na_base_pair_step.slide 
_ndb_struct_na_base_pair_step.rise 
_ndb_struct_na_base_pair_step.tilt 
_ndb_struct_na_base_pair_step.roll 
_ndb_struct_na_base_pair_step.twist 
_ndb_struct_na_base_pair_step.x_displacement 
_ndb_struct_na_base_pair_step.y_displacement 
_ndb_struct_na_base_pair_step.helical_rise 
_ndb_struct_na_base_pair_step.inclination 
_ndb_struct_na_base_pair_step.tip 
_ndb_struct_na_base_pair_step.helical_twist 
_ndb_struct_na_base_pair_step.step_number 
_ndb_struct_na_base_pair_step.step_name 
_ndb_struct_na_base_pair_step.i_auth_asym_id_1 
_ndb_struct_na_base_pair_step.i_auth_seq_id_1 
_ndb_struct_na_base_pair_step.i_PDB_ins_code_1 
_ndb_struct_na_base_pair_step.j_auth_asym_id_1 
_ndb_struct_na_base_pair_step.j_auth_seq_id_1 
_ndb_struct_na_base_pair_step.j_PDB_ins_code_1 
_ndb_struct_na_base_pair_step.i_auth_asym_id_2 
_ndb_struct_na_base_pair_step.i_auth_seq_id_2 
_ndb_struct_na_base_pair_step.i_PDB_ins_code_2 
_ndb_struct_na_base_pair_step.j_auth_asym_id_2 
_ndb_struct_na_base_pair_step.j_auth_seq_id_2 
_ndb_struct_na_base_pair_step.j_PDB_ins_code_2 
1 A DC 1  1_555 B DG 11 1_555 A DG 2  1_555 B DC 10 1_555 0.360  -0.765 3.701 0.722   -4.098  20.390 -0.077 -0.638 3.789 -11.422 
-2.013  20.806 1 AA_DC1DG2:DC21DG22_BB   A 1  ? B 22 ? A 2  ? B 21 ? 
1 A DG 2  1_555 B DC 10 1_555 A DG 3  1_555 B DC 9  1_555 0.350  -0.931 3.906 9.511   2.748   39.499 -1.705 0.761  3.816 3.990   
-13.811 40.673 2 AA_DG2DG3:DC20DC21_BB   A 2  ? B 21 ? A 3  ? B 20 ? 
1 A DG 3  1_555 B DC 9  1_555 A DA 4  1_555 B DT 8  1_555 0.407  0.041  2.477 -10.832 -3.359  42.010 0.298  -1.330 2.299 -4.586  
14.788  43.447 3 AA_DG3DA4:DT19DC20_BB   A 3  ? B 20 ? A 4  ? B 19 ? 
1 A DA 4  1_555 B DT 8  1_555 A DC 5  1_555 B DG 7  1_555 -0.663 0.579  3.246 2.343   7.596   32.160 -0.274 1.561  3.240 13.457  
-4.150  33.102 4 AA_DA4DC5:DG18DT19_BB   A 4  ? B 19 ? A 5  ? B 18 ? 
1 A DA 7  1_555 B DT 5  1_555 A DG 8  1_555 B DC 4  1_555 0.415  -0.975 3.341 0.125   -19.498 29.338 1.652  -0.667 3.336 -34.155 
-0.220  35.108 5 AA_DA7DG8:DC15DT16_BB   A 7  ? B 16 ? A 8  ? B 15 ? 
1 A DG 8  1_555 B DC 4  1_555 A DA 9  1_555 B DT 3  1_555 -0.708 -1.576 3.595 -0.352  3.940   30.970 -3.730 1.244  3.381 7.340   
0.656   31.216 6 AA_DG8DA9:DT14DC15_BB   A 8  ? B 15 ? A 9  ? B 14 ? 
1 A DA 9  1_555 B DT 3  1_555 A DA 10 1_555 B DT 2  1_555 -0.506 0.081  4.029 1.448   7.543   35.994 -1.137 1.045  3.942 12.038  
-2.310  36.778 7 AA_DA9DA10:DT13DT14_BB  A 9  ? B 14 ? A 10 ? B 13 ? 
1 A DA 10 1_555 B DT 2  1_555 A DG 11 1_555 B DC 1  1_555 0.056  -0.477 3.192 -7.691  -1.673  30.791 -0.570 -1.484 3.108 -3.088  
14.196  31.758 8 AA_DA10DG11:DC12DT13_BB A 10 ? B 13 ? A 11 ? B 12 ? 
# 
_pdbx_nmr_spectrometer.spectrometer_id   1 
_pdbx_nmr_spectrometer.type              ? 
_pdbx_nmr_spectrometer.manufacturer      Bruker 
_pdbx_nmr_spectrometer.model             DMX 
_pdbx_nmr_spectrometer.field_strength    800 
# 
_atom_sites.entry_id                    1U6N 
_atom_sites.fract_transf_matrix[1][1]   1.000000 
_atom_sites.fract_transf_matrix[1][2]   0.000000 
_atom_sites.fract_transf_matrix[1][3]   0.000000 
_atom_sites.fract_transf_matrix[2][1]   0.000000 
_atom_sites.fract_transf_matrix[2][2]   1.000000 
_atom_sites.fract_transf_matrix[2][3]   0.000000 
_atom_sites.fract_transf_matrix[3][1]   0.000000 
_atom_sites.fract_transf_matrix[3][2]   0.000000 
_atom_sites.fract_transf_matrix[3][3]   1.000000 
_atom_sites.fract_transf_vector[1]      0.00000 
_atom_sites.fract_transf_vector[2]      0.00000 
_atom_sites.fract_transf_vector[3]      0.00000 
# 
loop_
_atom_type.symbol 
C 
H 
N 
O 
P 
# 
loop_
_atom_site.group_PDB 
_atom_site.id 
_atom_site.type_symbol 
_atom_site.label_atom_id 
_atom_site.label_alt_id 
_atom_site.label_comp_id 
_atom_site.label_asym_id 
_atom_site.label_entity_id 
_atom_site.label_seq_id 
_atom_site.pdbx_PDB_ins_code 
_atom_site.Cartn_x 
_atom_site.Cartn_y 
_atom_site.Cartn_z 
_atom_site.occupancy 
_atom_site.B_iso_or_equiv 
_atom_site.pdbx_formal_charge 
_atom_site.auth_seq_id 
_atom_site.auth_comp_id 
_atom_site.auth_asym_id 
_atom_site.auth_atom_id 
_atom_site.pdbx_PDB_model_num 
ATOM   1   O "O5'"  . DC  A 1 1  ? -19.293 8.272   7.967   1.00 0.03 ? 1  DC  A "O5'"  1 
ATOM   2   C "C5'"  . DC  A 1 1  ? -18.879 7.721   9.221   1.00 0.03 ? 1  DC  A "C5'"  1 
ATOM   3   C "C4'"  . DC  A 1 1  ? -17.626 6.888   9.024   1.00 0.03 ? 1  DC  A "C4'"  1 
ATOM   4   O "O4'"  . DC  A 1 1  ? -17.904 5.796   8.125   1.00 0.03 ? 1  DC  A "O4'"  1 
ATOM   5   C "C3'"  . DC  A 1 1  ? -16.520 7.735   8.422   1.00 0.02 ? 1  DC  A "C3'"  1 
ATOM   6   O "O3'"  . DC  A 1 1  ? -15.367 7.812   9.268   1.00 0.03 ? 1  DC  A "O3'"  1 
ATOM   7   C "C2'"  . DC  A 1 1  ? -16.165 7.078   7.102   1.00 0.02 ? 1  DC  A "C2'"  1 
ATOM   8   C "C1'"  . DC  A 1 1  ? -16.912 5.746   7.089   1.00 0.02 ? 1  DC  A "C1'"  1 
ATOM   9   N N1     . DC  A 1 1  ? -17.140 5.461   5.632   1.00 0.03 ? 1  DC  A N1     1 
ATOM   10  C C2     . DC  A 1 1  ? -17.141 4.119   5.245   1.00 0.03 ? 1  DC  A C2     1 
ATOM   11  O O2     . DC  A 1 1  ? -16.961 3.214   6.084   1.00 0.03 ? 1  DC  A O2     1 
ATOM   12  N N3     . DC  A 1 1  ? -17.353 3.831   3.921   1.00 0.03 ? 1  DC  A N3     1 
ATOM   13  C C4     . DC  A 1 1  ? -17.550 4.795   3.021   1.00 0.03 ? 1  DC  A C4     1 
ATOM   14  N N4     . DC  A 1 1  ? -17.749 4.466   1.745   1.00 0.04 ? 1  DC  A N4     1 
ATOM   15  C C5     . DC  A 1 1  ? -17.551 6.167   3.406   1.00 0.03 ? 1  DC  A C5     1 
ATOM   16  C C6     . DC  A 1 1  ? -17.346 6.460   4.702   1.00 0.03 ? 1  DC  A C6     1 
ATOM   17  H "H5'"  . DC  A 1 1  ? -19.665 7.088   9.608   1.00 0.04 ? 1  DC  A "H5'"  1 
ATOM   18  H "H5''" . DC  A 1 1  ? -18.673 8.523   9.924   1.00 0.04 ? 1  DC  A "H5''" 1 
ATOM   19  H "H4'"  . DC  A 1 1  ? -17.298 6.490   9.983   1.00 0.03 ? 1  DC  A "H4'"  1 
ATOM   20  H "H3'"  . DC  A 1 1  ? -16.912 8.756   8.244   1.00 0.03 ? 1  DC  A "H3'"  1 
ATOM   21  H "H2'"  . DC  A 1 1  ? -16.497 7.713   6.303   1.00 0.03 ? 1  DC  A "H2'"  1 
ATOM   22  H "H2''" . DC  A 1 1  ? -15.086 6.897   7.019   1.00 0.03 ? 1  DC  A "H2''" 1 
ATOM   23  H "H1'"  . DC  A 1 1  ? -16.206 4.958   7.334   1.00 0.03 ? 1  DC  A "H1'"  1 
ATOM   24  H H41    . DC  A 1 1  ? -17.750 3.494   1.468   1.00 0.04 ? 1  DC  A H41    1 
ATOM   25  H H42    . DC  A 1 1  ? -17.900 5.188   1.055   1.00 0.04 ? 1  DC  A H42    1 
ATOM   26  H H5     . DC  A 1 1  ? -17.711 6.956   2.670   1.00 0.04 ? 1  DC  A H5     1 
ATOM   27  H H6     . DC  A 1 1  ? -17.342 7.499   5.006   1.00 0.03 ? 1  DC  A H6     1 
ATOM   28  H "HO5'" . DC  A 1 1  ? -19.461 7.560   7.343   1.00 0.04 ? 1  DC  A "HO5'" 1 
ATOM   29  P P      . DG  A 1 2  ? -14.084 8.632   8.740   1.00 0.03 ? 2  DG  A P      1 
ATOM   30  O OP1    . DG  A 1 2  ? -13.521 9.387   9.883   1.00 0.04 ? 2  DG  A OP1    1 
ATOM   31  O OP2    . DG  A 1 2  ? -14.455 9.352   7.500   1.00 0.04 ? 2  DG  A OP2    1 
ATOM   32  O "O5'"  . DG  A 1 2  ? -13.046 7.466   8.350   1.00 0.03 ? 2  DG  A "O5'"  1 
ATOM   33  C "C5'"  . DG  A 1 2  ? -12.501 6.605   9.353   1.00 0.03 ? 2  DG  A "C5'"  1 
ATOM   34  C "C4'"  . DG  A 1 2  ? -12.879 5.129   9.209   1.00 0.03 ? 2  DG  A "C4'"  1 
ATOM   35  O "O4'"  . DG  A 1 2  ? -13.558 4.811   7.960   1.00 0.03 ? 2  DG  A "O4'"  1 
ATOM   36  C "C3'"  . DG  A 1 2  ? -11.612 4.315   9.243   1.00 0.03 ? 2  DG  A "C3'"  1 
ATOM   37  O "O3'"  . DG  A 1 2  ? -11.737 3.182   10.117  1.00 0.03 ? 2  DG  A "O3'"  1 
ATOM   38  C "C2'"  . DG  A 1 2  ? -11.402 3.867   7.810   1.00 0.03 ? 2  DG  A "C2'"  1 
ATOM   39  C "C1'"  . DG  A 1 2  ? -12.814 3.773   7.269   1.00 0.03 ? 2  DG  A "C1'"  1 
ATOM   40  N N9     . DG  A 1 2  ? -12.847 3.947   5.799   1.00 0.03 ? 2  DG  A N9     1 
ATOM   41  C C8     . DG  A 1 2  ? -12.635 5.067   5.080   1.00 0.03 ? 2  DG  A C8     1 
ATOM   42  N N7     . DG  A 1 2  ? -12.723 4.986   3.793   1.00 0.03 ? 2  DG  A N7     1 
ATOM   43  C C5     . DG  A 1 2  ? -13.037 3.633   3.607   1.00 0.03 ? 2  DG  A C5     1 
ATOM   44  C C6     . DG  A 1 2  ? -13.266 2.907   2.400   1.00 0.03 ? 2  DG  A C6     1 
ATOM   45  O O6     . DG  A 1 2  ? -13.241 3.319   1.239   1.00 0.04 ? 2  DG  A O6     1 
ATOM   46  N N1     . DG  A 1 2  ? -13.551 1.572   2.649   1.00 0.04 ? 2  DG  A N1     1 
ATOM   47  C C2     . DG  A 1 2  ? -13.613 0.987   3.895   1.00 0.04 ? 2  DG  A C2     1 
ATOM   48  N N2     . DG  A 1 2  ? -13.904 -0.325  3.909   1.00 0.04 ? 2  DG  A N2     1 
ATOM   49  N N3     . DG  A 1 2  ? -13.400 1.661   5.046   1.00 0.03 ? 2  DG  A N3     1 
ATOM   50  C C4     . DG  A 1 2  ? -13.118 2.979   4.830   1.00 0.03 ? 2  DG  A C4     1 
ATOM   51  H "H5'"  . DG  A 1 2  ? -12.816 6.941   10.332  1.00 0.04 ? 2  DG  A "H5'"  1 
ATOM   52  H "H5''" . DG  A 1 2  ? -11.416 6.689   9.302   1.00 0.04 ? 2  DG  A "H5''" 1 
ATOM   53  H "H4'"  . DG  A 1 2  ? -13.512 4.838   10.048  1.00 0.03 ? 2  DG  A "H4'"  1 
ATOM   54  H "H3'"  . DG  A 1 2  ? -10.788 4.967   9.586   1.00 0.03 ? 2  DG  A "H3'"  1 
ATOM   55  H "H2'"  . DG  A 1 2  ? -10.838 4.610   7.235   1.00 0.03 ? 2  DG  A "H2'"  1 
ATOM   56  H "H2''" . DG  A 1 2  ? -10.913 2.897   7.789   1.00 0.03 ? 2  DG  A "H2''" 1 
ATOM   57  H "H1'"  . DG  A 1 2  ? -13.234 2.799   7.529   1.00 0.03 ? 2  DG  A "H1'"  1 
ATOM   58  H H8     . DG  A 1 2  ? -12.387 6.005   5.578   1.00 0.03 ? 2  DG  A H8     1 
ATOM   59  H H1     . DG  A 1 2  ? -13.727 0.999   1.836   1.00 0.04 ? 2  DG  A H1     1 
ATOM   60  H H21    . DG  A 1 2  ? -14.063 -0.816  3.041   1.00 0.05 ? 2  DG  A H21    1 
ATOM   61  H H22    . DG  A 1 2  ? -13.965 -0.819  4.787   1.00 0.05 ? 2  DG  A H22    1 
ATOM   62  P P      . DG  A 1 3  ? -10.480 2.198   10.371  1.00 0.03 ? 3  DG  A P      1 
ATOM   63  O OP1    . DG  A 1 3  ? -10.637 1.587   11.709  1.00 0.04 ? 3  DG  A OP1    1 
ATOM   64  O OP2    . DG  A 1 3  ? -9.238  2.933   10.041  1.00 0.05 ? 3  DG  A OP2    1 
ATOM   65  O "O5'"  . DG  A 1 3  ? -10.688 1.042   9.262   1.00 0.03 ? 3  DG  A "O5'"  1 
ATOM   66  C "C5'"  . DG  A 1 3  ? -11.819 0.163   9.318   1.00 0.03 ? 3  DG  A "C5'"  1 
ATOM   67  C "C4'"  . DG  A 1 3  ? -11.730 -0.956  8.275   1.00 0.03 ? 3  DG  A "C4'"  1 
ATOM   68  O "O4'"  . DG  A 1 3  ? -11.962 -0.451  6.937   1.00 0.03 ? 3  DG  A "O4'"  1 
ATOM   69  C "C3'"  . DG  A 1 3  ? -10.356 -1.610  8.259   1.00 0.03 ? 3  DG  A "C3'"  1 
ATOM   70  O "O3'"  . DG  A 1 3  ? -10.445 -3.041  8.177   1.00 0.03 ? 3  DG  A "O3'"  1 
ATOM   71  C "C2'"  . DG  A 1 3  ? -9.671  -1.044  7.043   1.00 0.03 ? 3  DG  A "C2'"  1 
ATOM   72  C "C1'"  . DG  A 1 3  ? -10.825 -0.770  6.099   1.00 0.03 ? 3  DG  A "C1'"  1 
ATOM   73  N N9     . DG  A 1 3  ? -10.528 0.335   5.160   1.00 0.03 ? 3  DG  A N9     1 
ATOM   74  C C8     . DG  A 1 3  ? -10.189 1.627   5.411   1.00 0.04 ? 3  DG  A C8     1 
ATOM   75  N N7     . DG  A 1 3  ? -9.992  2.401   4.401   1.00 0.04 ? 3  DG  A N7     1 
ATOM   76  C C5     . DG  A 1 3  ? -10.223 1.539   3.329   1.00 0.04 ? 3  DG  A C5     1 
ATOM   77  C C6     . DG  A 1 3  ? -10.163 1.794   1.938   1.00 0.04 ? 3  DG  A C6     1 
ATOM   78  O O6     . DG  A 1 3  ? -9.891  2.847   1.367   1.00 0.04 ? 3  DG  A O6     1 
ATOM   79  N N1     . DG  A 1 3  ? -10.463 0.659   1.198   1.00 0.04 ? 3  DG  A N1     1 
ATOM   80  C C2     . DG  A 1 3  ? -10.784 -0.575  1.725   1.00 0.04 ? 3  DG  A C2     1 
ATOM   81  N N2     . DG  A 1 3  ? -11.041 -1.543  0.841   1.00 0.04 ? 3  DG  A N2     1 
ATOM   82  N N3     . DG  A 1 3  ? -10.843 -0.826  3.038   1.00 0.03 ? 3  DG  A N3     1 
ATOM   83  C C4     . DG  A 1 3  ? -10.552 0.270   3.782   1.00 0.03 ? 3  DG  A C4     1 
ATOM   84  H "H5'"  . DG  A 1 3  ? -12.728 0.739   9.145   1.00 0.04 ? 3  DG  A "H5'"  1 
ATOM   85  H "H5''" . DG  A 1 3  ? -11.866 -0.284  10.311  1.00 0.04 ? 3  DG  A "H5''" 1 
ATOM   86  H "H4'"  . DG  A 1 3  ? -12.482 -1.712  8.499   1.00 0.04 ? 3  DG  A "H4'"  1 
ATOM   87  H "H3'"  . DG  A 1 3  ? -9.804  -1.322  9.158   1.00 0.03 ? 3  DG  A "H3'"  1 
ATOM   88  H "H2'"  . DG  A 1 3  ? -9.122  -0.139  7.280   1.00 0.04 ? 3  DG  A "H2'"  1 
ATOM   89  H "H2''" . DG  A 1 3  ? -9.007  -1.792  6.618   1.00 0.04 ? 3  DG  A "H2''" 1 
ATOM   90  H "H1'"  . DG  A 1 3  ? -11.041 -1.675  5.533   1.00 0.04 ? 3  DG  A "H1'"  1 
ATOM   91  H H8     . DG  A 1 3  ? -10.090 1.998   6.426   1.00 0.05 ? 3  DG  A H8     1 
ATOM   92  H H1     . DG  A 1 3  ? -10.443 0.768   0.195   1.00 0.04 ? 3  DG  A H1     1 
ATOM   93  H H21    . DG  A 1 3  ? -10.995 -1.350  -0.148  1.00 0.05 ? 3  DG  A H21    1 
ATOM   94  H H22    . DG  A 1 3  ? -11.282 -2.470  1.164   1.00 0.05 ? 3  DG  A H22    1 
ATOM   95  P P      . DA  A 1 4  ? -9.099  -3.934  8.162   1.00 0.04 ? 4  DA  A P      1 
ATOM   96  O OP1    . DA  A 1 4  ? -9.370  -5.187  8.901   1.00 0.05 ? 4  DA  A OP1    1 
ATOM   97  O OP2    . DA  A 1 4  ? -7.961  -3.075  8.566   1.00 0.05 ? 4  DA  A OP2    1 
ATOM   98  O "O5'"  . DA  A 1 4  ? -8.919  -4.298  6.601   1.00 0.03 ? 4  DA  A "O5'"  1 
ATOM   99  C "C5'"  . DA  A 1 4  ? -9.875  -5.125  5.924   1.00 0.03 ? 4  DA  A "C5'"  1 
ATOM   100 C "C4'"  . DA  A 1 4  ? -9.520  -5.329  4.464   1.00 0.03 ? 4  DA  A "C4'"  1 
ATOM   101 O "O4'"  . DA  A 1 4  ? -9.536  -4.080  3.732   1.00 0.03 ? 4  DA  A "O4'"  1 
ATOM   102 C "C3'"  . DA  A 1 4  ? -8.122  -5.899  4.361   1.00 0.03 ? 4  DA  A "C3'"  1 
ATOM   103 O "O3'"  . DA  A 1 4  ? -8.062  -6.930  3.362   1.00 0.03 ? 4  DA  A "O3'"  1 
ATOM   104 C "C2'"  . DA  A 1 4  ? -7.269  -4.721  3.964   1.00 0.03 ? 4  DA  A "C2'"  1 
ATOM   105 C "C1'"  . DA  A 1 4  ? -8.232  -3.844  3.159   1.00 0.03 ? 4  DA  A "C1'"  1 
ATOM   106 N N9     . DA  A 1 4  ? -7.885  -2.400  3.225   1.00 0.03 ? 4  DA  A N9     1 
ATOM   107 C C8     . DA  A 1 4  ? -7.674  -1.617  4.308   1.00 0.03 ? 4  DA  A C8     1 
ATOM   108 N N7     . DA  A 1 4  ? -7.418  -0.366  4.106   1.00 0.03 ? 4  DA  A N7     1 
ATOM   109 C C5     . DA  A 1 4  ? -7.457  -0.286  2.711   1.00 0.03 ? 4  DA  A C5     1 
ATOM   110 C C6     . DA  A 1 4  ? -7.268  0.780   1.815   1.00 0.03 ? 4  DA  A C6     1 
ATOM   111 N N6     . DA  A 1 4  ? -6.984  2.020   2.215   1.00 0.04 ? 4  DA  A N6     1 
ATOM   112 N N1     . DA  A 1 4  ? -7.378  0.519   0.496   1.00 0.04 ? 4  DA  A N1     1 
ATOM   113 C C2     . DA  A 1 4  ? -7.657  -0.723  0.086   1.00 0.04 ? 4  DA  A C2     1 
ATOM   114 N N3     . DA  A 1 4  ? -7.856  -1.805  0.847   1.00 0.04 ? 4  DA  A N3     1 
ATOM   115 C C4     . DA  A 1 4  ? -7.741  -1.517  2.160   1.00 0.03 ? 4  DA  A C4     1 
ATOM   116 H "H5'"  . DA  A 1 4  ? -10.868 -4.679  6.003   1.00 0.04 ? 4  DA  A "H5'"  1 
ATOM   117 H "H5''" . DA  A 1 4  ? -9.872  -6.096  6.396   1.00 0.04 ? 4  DA  A "H5''" 1 
ATOM   118 H "H4'"  . DA  A 1 4  ? -10.229 -6.022  4.012   1.00 0.03 ? 4  DA  A "H4'"  1 
ATOM   119 H "H3'"  . DA  A 1 4  ? -7.811  -6.300  5.345   1.00 0.03 ? 4  DA  A "H3'"  1 
ATOM   120 H "H2'"  . DA  A 1 4  ? -6.892  -4.189  4.838   1.00 0.03 ? 4  DA  A "H2'"  1 
ATOM   121 H "H2''" . DA  A 1 4  ? -6.457  -5.066  3.351   1.00 0.04 ? 4  DA  A "H2''" 1 
ATOM   122 H "H1'"  . DA  A 1 4  ? -8.242  -4.167  2.114   1.00 0.03 ? 4  DA  A "H1'"  1 
ATOM   123 H H8     . DA  A 1 4  ? -7.719  -2.030  5.312   1.00 0.03 ? 4  DA  A H8     1 
ATOM   124 H H61    . DA  A 1 4  ? -6.851  2.753   1.534   1.00 0.04 ? 4  DA  A H61    1 
ATOM   125 H H62    . DA  A 1 4  ? -6.897  2.225   3.200   1.00 0.04 ? 4  DA  A H62    1 
ATOM   126 H H2     . DA  A 1 4  ? -7.718  -0.872  -0.988  1.00 0.05 ? 4  DA  A H2     1 
ATOM   127 P P      . DC  A 1 5  ? -6.911  -8.068  3.375   1.00 0.04 ? 5  DC  A P      1 
ATOM   128 O OP1    . DC  A 1 5  ? -7.560  -9.382  3.583   1.00 0.07 ? 5  DC  A OP1    1 
ATOM   129 O OP2    . DC  A 1 5  ? -5.828  -7.629  4.285   1.00 0.06 ? 5  DC  A OP2    1 
ATOM   130 O "O5'"  . DC  A 1 5  ? -6.348  -8.013  1.863   1.00 0.04 ? 5  DC  A "O5'"  1 
ATOM   131 C "C5'"  . DC  A 1 5  ? -7.249  -8.164  0.762   1.00 0.03 ? 5  DC  A "C5'"  1 
ATOM   132 C "C4'"  . DC  A 1 5  ? -6.646  -7.681  -0.558  1.00 0.03 ? 5  DC  A "C4'"  1 
ATOM   133 O "O4'"  . DC  A 1 5  ? -6.596  -6.227  -0.498  1.00 0.04 ? 5  DC  A "O4'"  1 
ATOM   134 C "C3'"  . DC  A 1 5  ? -5.214  -8.200  -0.724  1.00 0.03 ? 5  DC  A "C3'"  1 
ATOM   135 O "O3'"  . DC  A 1 5  ? -4.858  -8.373  -2.236  1.00 0.04 ? 5  DC  A "O3'"  1 
ATOM   136 C "C2'"  . DC  A 1 5  ? -4.430  -7.059  0.015   1.00 0.03 ? 5  DC  A "C2'"  1 
ATOM   137 C "C1'"  . DC  A 1 5  ? -5.227  -5.806  -0.461  1.00 0.03 ? 5  DC  A "C1'"  1 
ATOM   138 N N1     . DC  A 1 5  ? -5.034  -4.625  0.407   1.00 0.03 ? 5  DC  A N1     1 
ATOM   139 C C2     . DC  A 1 5  ? -4.980  -3.373  -0.208  1.00 0.03 ? 5  DC  A C2     1 
ATOM   140 O O2     . DC  A 1 5  ? -5.089  -3.271  -1.429  1.00 0.04 ? 5  DC  A O2     1 
ATOM   141 N N3     . DC  A 1 5  ? -4.797  -2.277  0.573   1.00 0.04 ? 5  DC  A N3     1 
ATOM   142 C C4     . DC  A 1 5  ? -4.673  -2.390  1.897   1.00 0.03 ? 5  DC  A C4     1 
ATOM   143 N N4     . DC  A 1 5  ? -4.499  -1.284  2.630   1.00 0.04 ? 5  DC  A N4     1 
ATOM   144 C C5     . DC  A 1 5  ? -4.728  -3.679  2.531   1.00 0.03 ? 5  DC  A C5     1 
ATOM   145 C C6     . DC  A 1 5  ? -4.911  -4.762  1.737   1.00 0.02 ? 5  DC  A C6     1 
ATOM   146 H "H5'"  . DC  A 1 5  ? -8.111  -7.548  0.978   1.00 0.04 ? 5  DC  A "H5'"  1 
ATOM   147 H "H5''" . DC  A 1 5  ? -7.550  -9.208  0.672   1.00 0.05 ? 5  DC  A "H5''" 1 
ATOM   148 H "H4'"  . DC  A 1 5  ? -7.264  -7.996  -1.396  1.00 0.04 ? 5  DC  A "H4'"  1 
ATOM   149 H "H3'"  . DC  A 1 5  ? -5.098  -9.164  -0.182  1.00 0.03 ? 5  DC  A "H3'"  1 
ATOM   150 H "H2'"  . DC  A 1 5  ? -4.456  -7.122  1.076   1.00 0.03 ? 5  DC  A "H2'"  1 
ATOM   151 H "H2''" . DC  A 1 5  ? -3.383  -7.056  -0.253  1.00 0.03 ? 5  DC  A "H2''" 1 
ATOM   152 H "H1'"  . DC  A 1 5  ? -4.937  -5.524  -1.469  1.00 0.03 ? 5  DC  A "H1'"  1 
ATOM   153 H H41    . DC  A 1 5  ? -4.462  -0.380  2.179   1.00 0.04 ? 5  DC  A H41    1 
ATOM   154 H H42    . DC  A 1 5  ? -4.405  -1.352  3.632   1.00 0.04 ? 5  DC  A H42    1 
ATOM   155 H H5     . DC  A 1 5  ? -4.630  -3.780  3.612   1.00 0.03 ? 5  DC  A H5     1 
ATOM   156 H H6     . DC  A 1 5  ? -4.965  -5.761  2.161   1.00 0.03 ? 5  DC  A H6     1 
HETATM 157 P P      . 2BD A 1 6  ? -3.363  -8.953  -2.776  1.00 0.03 ? 6  2BD A P      1 
HETATM 158 O OP1    . 2BD A 1 6  ? -3.857  -8.580  -4.120  1.00 0.05 ? 6  2BD A OP1    1 
HETATM 159 O OP2    . 2BD A 1 6  ? -3.323  -10.344 -2.272  1.00 0.04 ? 6  2BD A OP2    1 
HETATM 160 O "O5'"  . 2BD A 1 6  ? -3.003  -7.880  -1.646  1.00 0.04 ? 6  2BD A "O5'"  1 
HETATM 161 C "C5'"  . 2BD A 1 6  ? -3.296  -6.530  -2.071  1.00 0.03 ? 6  2BD A "C5'"  1 
HETATM 162 C "C4'"  . 2BD A 1 6  ? -2.041  -6.311  -2.827  1.00 0.04 ? 6  2BD A "C4'"  1 
HETATM 163 O "O4'"  . 2BD A 1 6  ? -1.092  -5.311  -2.338  1.00 0.05 ? 6  2BD A "O4'"  1 
HETATM 164 C "C1'"  . 2BD A 1 6  ? 0.278   -5.949  -2.151  1.00 0.04 ? 6  2BD A "C1'"  1 
HETATM 165 O O6     . 2BD A 1 6  ? 1.439   -4.869  3.545   1.00 0.04 ? 6  2BD A O6     1 
HETATM 166 C C6     . 2BD A 1 6  ? 1.134   -5.718  2.725   1.00 0.03 ? 6  2BD A C6     1 
HETATM 167 C C5     . 2BD A 1 6  ? 1.082   -5.281  1.402   1.00 0.03 ? 6  2BD A C5     1 
HETATM 168 N N7     . 2BD A 1 6  ? 1.188   -4.073  0.862   1.00 0.03 ? 6  2BD A N7     1 
HETATM 169 C C8     . 2BD A 1 6  ? 1.018   -4.210  -0.449  1.00 0.03 ? 6  2BD A C8     1 
HETATM 170 N N9     . 2BD A 1 6  ? 0.806   -5.444  -0.778  1.00 0.03 ? 6  2BD A N9     1 
HETATM 171 C C4     . 2BD A 1 6  ? 0.861   -6.170  0.371   1.00 0.03 ? 6  2BD A C4     1 
HETATM 172 N N3     . 2BD A 1 6  ? 0.743   -7.475  0.639   1.00 0.04 ? 6  2BD A N3     1 
HETATM 173 C C2     . 2BD A 1 6  ? 0.776   -7.977  1.862   1.00 0.04 ? 6  2BD A C2     1 
HETATM 174 N N1     . 2BD A 1 6  ? 0.895   -7.150  3.040   1.00 0.04 ? 6  2BD A N1     1 
HETATM 175 C CAN    . 2BD A 1 6  ? 0.917   -7.944  4.542   1.00 0.04 ? 6  2BD A CAN    1 
HETATM 176 C CAL    . 2BD A 1 6  ? 0.745   -7.079  5.726   1.00 0.04 ? 6  2BD A CAL    1 
HETATM 177 C CAM    . 2BD A 1 6  ? 1.520   -7.462  6.623   1.00 0.05 ? 6  2BD A CAM    1 
HETATM 178 C CAO    . 2BD A 1 6  ? -0.470  -8.717  4.248   1.00 0.04 ? 6  2BD A CAO    1 
HETATM 179 O OAP    . 2BD A 1 6  ? -0.974  -10.051 4.078   1.00 0.05 ? 6  2BD A OAP    1 
HETATM 180 C "C2'"  . 2BD A 1 6  ? -0.050  -7.367  -1.909  1.00 0.04 ? 6  2BD A "C2'"  1 
HETATM 181 C "C3'"  . 2BD A 1 6  ? -1.245  -7.549  -2.663  1.00 0.04 ? 6  2BD A "C3'"  1 
HETATM 182 O "O3'"  . 2BD A 1 6  ? -1.701  -8.663  -3.412  1.00 0.04 ? 6  2BD A "O3'"  1 
HETATM 183 H "H5'"  . 2BD A 1 6  ? -3.320  -5.801  -1.268  1.00 0.03 ? 6  2BD A "H5'"  1 
HETATM 184 H "H5''" . 2BD A 1 6  ? -4.221  -6.523  -2.723  1.00 0.04 ? 6  2BD A "H5''" 1 
HETATM 185 H "H4'"  . 2BD A 1 6  ? -2.282  -6.157  -3.891  1.00 0.04 ? 6  2BD A "H4'"  1 
HETATM 186 H "H1'"  . 2BD A 1 6  ? 0.688   -5.707  -3.003  1.00 0.04 ? 6  2BD A "H1'"  1 
HETATM 187 H H8     . 2BD A 1 6  ? 0.966   -3.434  -1.098  1.00 0.03 ? 6  2BD A H8     1 
HETATM 188 H H2     . 2BD A 1 6  ? 0.619   -9.028  1.975   1.00 0.04 ? 6  2BD A H2     1 
HETATM 189 H HAN    . 2BD A 1 6  ? 1.416   -8.729  4.796   1.00 0.04 ? 6  2BD A HAN    1 
HETATM 190 H HAL2   . 2BD A 1 6  ? 0.974   -6.050  5.450   1.00 0.00 ? 6  2BD A HAL2   1 
HETATM 191 H HAM1   . 2BD A 1 6  ? 2.045   -6.556  6.875   1.00 0.05 ? 6  2BD A HAM1   1 
HETATM 192 H HAM2   . 2BD A 1 6  ? 1.192   -7.881  7.518   1.00 0.05 ? 6  2BD A HAM2   1 
HETATM 193 H HAO1   . 2BD A 1 6  ? -0.512  -8.948  3.320   1.00 0.04 ? 6  2BD A HAO1   1 
HETATM 194 H HAO2   . 2BD A 1 6  ? -0.415  -9.493  5.108   1.00 0.04 ? 6  2BD A HAO2   1 
HETATM 195 H HAP    . 2BD A 1 6  ? -1.435  -10.136 3.185   1.00 0.05 ? 6  2BD A HAP    1 
HETATM 196 H "H2'"  . 2BD A 1 6  ? -0.233  -7.552  -0.872  1.00 0.04 ? 6  2BD A "H2'"  1 
HETATM 197 H "H2''" . 2BD A 1 6  ? 0.750   -7.991  -2.271  1.00 0.04 ? 6  2BD A "H2''" 1 
HETATM 198 H "H3'"  . 2BD A 1 6  ? -1.752  -7.852  -1.715  1.00 0.04 ? 6  2BD A "H3'"  1 
ATOM   199 P P      . DA  A 1 7  ? -0.660  -9.347  -4.458  1.00 0.05 ? 7  DA  A P      1 
ATOM   200 O OP1    . DA  A 1 7  ? -1.445  -9.997  -5.533  1.00 0.07 ? 7  DA  A OP1    1 
ATOM   201 O OP2    . DA  A 1 7  ? 0.315   -10.143 -3.681  1.00 0.06 ? 7  DA  A OP2    1 
ATOM   202 O "O5'"  . DA  A 1 7  ? 0.132   -8.074  -5.106  1.00 0.05 ? 7  DA  A "O5'"  1 
ATOM   203 C "C5'"  . DA  A 1 7  ? -0.595  -7.134  -5.904  1.00 0.05 ? 7  DA  A "C5'"  1 
ATOM   204 C "C4'"  . DA  A 1 7  ? 0.161   -5.845  -6.279  1.00 0.04 ? 7  DA  A "C4'"  1 
ATOM   205 O "O4'"  . DA  A 1 7  ? 0.544   -5.069  -5.119  1.00 0.05 ? 7  DA  A "O4'"  1 
ATOM   206 C "C3'"  . DA  A 1 7  ? 1.429   -6.061  -7.091  1.00 0.05 ? 7  DA  A "C3'"  1 
ATOM   207 O "O3'"  . DA  A 1 7  ? 1.467   -5.176  -8.223  1.00 0.07 ? 7  DA  A "O3'"  1 
ATOM   208 C "C2'"  . DA  A 1 7  ? 2.555   -5.790  -6.125  1.00 0.04 ? 7  DA  A "C2'"  1 
ATOM   209 C "C1'"  . DA  A 1 7  ? 1.963   -4.776  -5.177  1.00 0.04 ? 7  DA  A "C1'"  1 
ATOM   210 N N9     . DA  A 1 7  ? 2.569   -4.814  -3.814  1.00 0.03 ? 7  DA  A N9     1 
ATOM   211 C C8     . DA  A 1 7  ? 2.881   -5.879  -3.028  1.00 0.03 ? 7  DA  A C8     1 
ATOM   212 N N7     . DA  A 1 7  ? 3.364   -5.645  -1.859  1.00 0.03 ? 7  DA  A N7     1 
ATOM   213 C C5     . DA  A 1 7  ? 3.385   -4.254  -1.834  1.00 0.03 ? 7  DA  A C5     1 
ATOM   214 C C6     . DA  A 1 7  ? 3.786   -3.340  -0.853  1.00 0.04 ? 7  DA  A C6     1 
ATOM   215 N N6     . DA  A 1 7  ? 4.265   -3.729  0.326   1.00 0.04 ? 7  DA  A N6     1 
ATOM   216 N N1     . DA  A 1 7  ? 3.677   -2.022  -1.135  1.00 0.04 ? 7  DA  A N1     1 
ATOM   217 C C2     . DA  A 1 7  ? 3.194   -1.630  -2.326  1.00 0.04 ? 7  DA  A C2     1 
ATOM   218 N N3     . DA  A 1 7  ? 2.781   -2.418  -3.329  1.00 0.03 ? 7  DA  A N3     1 
ATOM   219 C C4     . DA  A 1 7  ? 2.903   -3.730  -3.017  1.00 0.03 ? 7  DA  A C4     1 
ATOM   220 H "H5'"  . DA  A 1 7  ? -1.462  -6.844  -5.338  1.00 0.06 ? 7  DA  A "H5'"  1 
ATOM   221 H "H5''" . DA  A 1 7  ? -0.921  -7.629  -6.819  1.00 0.07 ? 7  DA  A "H5''" 1 
ATOM   222 H "H4'"  . DA  A 1 7  ? -0.512  -5.231  -6.876  1.00 0.07 ? 7  DA  A "H4'"  1 
ATOM   223 H "H3'"  . DA  A 1 7  ? 1.476   -7.100  -7.428  1.00 0.07 ? 7  DA  A "H3'"  1 
ATOM   224 H "H2'"  . DA  A 1 7  ? 2.846   -6.668  -5.617  1.00 0.04 ? 7  DA  A "H2'"  1 
ATOM   225 H "H2''" . DA  A 1 7  ? 3.403   -5.357  -6.653  1.00 0.05 ? 7  DA  A "H2''" 1 
ATOM   226 H "H1'"  . DA  A 1 7  ? 2.100   -3.806  -5.602  1.00 0.05 ? 7  DA  A "H1'"  1 
ATOM   227 H H8     . DA  A 1 7  ? 2.685   -6.889  -3.352  1.00 0.03 ? 7  DA  A H8     1 
ATOM   228 H H61    . DA  A 1 7  ? 4.541   -3.026  1.028   1.00 0.05 ? 7  DA  A H61    1 
ATOM   229 H H62    . DA  A 1 7  ? 4.348   -4.712  0.537   1.00 0.04 ? 7  DA  A H62    1 
ATOM   230 H H2     . DA  A 1 7  ? 3.136   -0.555  -2.496  1.00 0.04 ? 7  DA  A H2     1 
ATOM   231 P P      . DG  A 1 8  ? 2.834   -4.901  -9.040  1.00 0.08 ? 8  DG  A P      1 
ATOM   232 O OP1    . DG  A 1 8  ? 2.478   -4.545  -10.432 1.00 0.12 ? 8  DG  A OP1    1 
ATOM   233 O OP2    . DG  A 1 8  ? 3.772   -6.018  -8.781  1.00 0.09 ? 8  DG  A OP2    1 
ATOM   234 O "O5'"  . DG  A 1 8  ? 3.404   -3.582  -8.310  1.00 0.08 ? 8  DG  A "O5'"  1 
ATOM   235 C "C5'"  . DG  A 1 8  ? 2.599   -2.401  -8.256  1.00 0.09 ? 8  DG  A "C5'"  1 
ATOM   236 C "C4'"  . DG  A 1 8  ? 3.360   -1.195  -7.711  1.00 0.07 ? 8  DG  A "C4'"  1 
ATOM   237 O "O4'"  . DG  A 1 8  ? 3.740   -1.369  -6.319  1.00 0.07 ? 8  DG  A "O4'"  1 
ATOM   238 C "C3'"  . DG  A 1 8  ? 4.641   -0.915  -8.488  1.00 0.06 ? 8  DG  A "C3'"  1 
ATOM   239 O "O3'"  . DG  A 1 8  ? 4.733   0.475   -8.841  1.00 0.06 ? 8  DG  A "O3'"  1 
ATOM   240 C "C2'"  . DG  A 1 8  ? 5.759   -1.338  -7.544  1.00 0.06 ? 8  DG  A "C2'"  1 
ATOM   241 C "C1'"  . DG  A 1 8  ? 5.153   -1.084  -6.180  1.00 0.05 ? 8  DG  A "C1'"  1 
ATOM   242 N N9     . DG  A 1 8  ? 5.805   -1.912  -5.137  1.00 0.05 ? 8  DG  A N9     1 
ATOM   243 C C8     . DG  A 1 8  ? 6.161   -3.225  -5.157  1.00 0.05 ? 8  DG  A C8     1 
ATOM   244 N N7     . DG  A 1 8  ? 6.742   -3.704  -4.110  1.00 0.05 ? 8  DG  A N7     1 
ATOM   245 C C5     . DG  A 1 8  ? 6.790   -2.589  -3.273  1.00 0.05 ? 8  DG  A C5     1 
ATOM   246 C C6     . DG  A 1 8  ? 7.317   -2.466  -1.959  1.00 0.06 ? 8  DG  A C6     1 
ATOM   247 O O6     . DG  A 1 8  ? 7.851   -3.334  -1.278  1.00 0.07 ? 8  DG  A O6     1 
ATOM   248 N N1     . DG  A 1 8  ? 7.171   -1.172  -1.459  1.00 0.06 ? 8  DG  A N1     1 
ATOM   249 C C2     . DG  A 1 8  ? 6.589   -0.118  -2.139  1.00 0.05 ? 8  DG  A C2     1 
ATOM   250 N N2     . DG  A 1 8  ? 6.541   1.048   -1.489  1.00 0.07 ? 8  DG  A N2     1 
ATOM   251 N N3     . DG  A 1 8  ? 6.087   -0.226  -3.383  1.00 0.05 ? 8  DG  A N3     1 
ATOM   252 C C4     . DG  A 1 8  ? 6.219   -1.483  -3.890  1.00 0.05 ? 8  DG  A C4     1 
ATOM   253 H "H5'"  . DG  A 1 8  ? 1.736   -2.591  -7.618  1.00 0.10 ? 8  DG  A "H5'"  1 
ATOM   254 H "H5''" . DG  A 1 8  ? 2.249   -2.170  -9.262  1.00 0.11 ? 8  DG  A "H5''" 1 
ATOM   255 H "H4'"  . DG  A 1 8  ? 2.715   -0.319  -7.783  1.00 0.07 ? 8  DG  A "H4'"  1 
ATOM   256 H "H3'"  . DG  A 1 8  ? 4.645   -1.538  -9.401  1.00 0.07 ? 8  DG  A "H3'"  1 
ATOM   257 H "H2'"  . DG  A 1 8  ? 6.009   -2.391  -7.672  1.00 0.06 ? 8  DG  A "H2'"  1 
ATOM   258 H "H2''" . DG  A 1 8  ? 6.652   -0.705  -7.672  1.00 0.06 ? 8  DG  A "H2''" 1 
ATOM   259 H "H1'"  . DG  A 1 8  ? 5.271   -0.030  -5.927  1.00 0.06 ? 8  DG  A "H1'"  1 
ATOM   260 H H8     . DG  A 1 8  ? 5.973   -3.855  -6.026  1.00 0.06 ? 8  DG  A H8     1 
ATOM   261 H H1     . DG  A 1 8  ? 7.522   -1.014  -0.525  1.00 0.07 ? 8  DG  A H1     1 
ATOM   262 H H21    . DG  A 1 8  ? 6.918   1.122   -0.554  1.00 0.07 ? 8  DG  A H21    1 
ATOM   263 H H22    . DG  A 1 8  ? 6.129   1.857   -1.932  1.00 0.08 ? 8  DG  A H22    1 
ATOM   264 P P      . DA  A 1 9  ? 6.108   1.130   -9.384  1.00 0.05 ? 9  DA  A P      1 
ATOM   265 O OP1    . DA  A 1 9  ? 5.763   2.193   -10.354 1.00 0.08 ? 9  DA  A OP1    1 
ATOM   266 O OP2    . DA  A 1 9  ? 7.029   0.041   -9.781  1.00 0.07 ? 9  DA  A OP2    1 
ATOM   267 O "O5'"  . DA  A 1 9  ? 6.695   1.829   -8.057  1.00 0.04 ? 9  DA  A "O5'"  1 
ATOM   268 C "C5'"  . DA  A 1 9  ? 5.884   2.761   -7.338  1.00 0.04 ? 9  DA  A "C5'"  1 
ATOM   269 C "C4'"  . DA  A 1 9  ? 6.677   3.602   -6.363  1.00 0.04 ? 9  DA  A "C4'"  1 
ATOM   270 O "O4'"  . DA  A 1 9  ? 7.125   2.810   -5.240  1.00 0.04 ? 9  DA  A "O4'"  1 
ATOM   271 C "C3'"  . DA  A 1 9  ? 7.907   4.235   -6.982  1.00 0.04 ? 9  DA  A "C3'"  1 
ATOM   272 O "O3'"  . DA  A 1 9  ? 8.038   5.609   -6.610  1.00 0.05 ? 9  DA  A "O3'"  1 
ATOM   273 C "C2'"  . DA  A 1 9  ? 9.061   3.408   -6.474  1.00 0.04 ? 9  DA  A "C2'"  1 
ATOM   274 C "C1'"  . DA  A 1 9  ? 8.556   2.927   -5.112  1.00 0.03 ? 9  DA  A "C1'"  1 
ATOM   275 N N9     . DA  A 1 9  ? 8.967   1.559   -4.659  1.00 0.03 ? 9  DA  A N9     1 
ATOM   276 C C8     . DA  A 1 9  ? 8.890   0.342   -5.287  1.00 0.03 ? 9  DA  A C8     1 
ATOM   277 N N7     . DA  A 1 9  ? 9.311   -0.690  -4.641  1.00 0.04 ? 9  DA  A N7     1 
ATOM   278 C C5     . DA  A 1 9  ? 9.722   -0.130  -3.434  1.00 0.03 ? 9  DA  A C5     1 
ATOM   279 C C6     . DA  A 1 9  ? 10.281  -0.693  -2.276  1.00 0.04 ? 9  DA  A C6     1 
ATOM   280 N N6     . DA  A 1 9  ? 10.529  -1.993  -2.164  1.00 0.05 ? 9  DA  A N6     1 
ATOM   281 N N1     . DA  A 1 9  ? 10.577  0.134   -1.246  1.00 0.04 ? 9  DA  A N1     1 
ATOM   282 C C2     . DA  A 1 9  ? 10.333  1.449   -1.358  1.00 0.04 ? 9  DA  A C2     1 
ATOM   283 N N3     . DA  A 1 9  ? 9.804   2.088   -2.413  1.00 0.04 ? 9  DA  A N3     1 
ATOM   284 C C4     . DA  A 1 9  ? 9.519   1.233   -3.427  1.00 0.03 ? 9  DA  A C4     1 
ATOM   285 H "H5'"  . DA  A 1 9  ? 5.145   2.212   -6.766  1.00 0.06 ? 9  DA  A "H5'"  1 
ATOM   286 H "H5''" . DA  A 1 9  ? 5.378   3.417   -8.046  1.00 0.05 ? 9  DA  A "H5''" 1 
ATOM   287 H "H4'"  . DA  A 1 9  ? 6.032   4.394   -5.984  1.00 0.06 ? 9  DA  A "H4'"  1 
ATOM   288 H "H3'"  . DA  A 1 9  ? 7.847   4.151   -8.077  1.00 0.04 ? 9  DA  A "H3'"  1 
ATOM   289 H "H2'"  . DA  A 1 9  ? 9.297   2.597   -7.147  1.00 0.06 ? 9  DA  A "H2'"  1 
ATOM   290 H "H2''" . DA  A 1 9  ? 9.929   4.049   -6.340  1.00 0.06 ? 9  DA  A "H2''" 1 
ATOM   291 H "H1'"  . DA  A 1 9  ? 8.758   3.692   -4.378  1.00 0.05 ? 9  DA  A "H1'"  1 
ATOM   292 H H8     . DA  A 1 9  ? 8.482   0.231   -6.290  1.00 0.04 ? 9  DA  A H8     1 
ATOM   293 H H61    . DA  A 1 9  ? 10.933  -2.359  -1.311  1.00 0.05 ? 9  DA  A H61    1 
ATOM   294 H H62    . DA  A 1 9  ? 10.311  -2.615  -2.929  1.00 0.05 ? 9  DA  A H62    1 
ATOM   295 H H2     . DA  A 1 9  ? 10.587  2.062   -0.496  1.00 0.05 ? 9  DA  A H2     1 
ATOM   296 P P      . DA  A 1 10 ? 8.972   6.602   -7.469  1.00 0.06 ? 10 DA  A P      1 
ATOM   297 O OP1    . DA  A 1 10 ? 8.203   7.836   -7.750  1.00 0.10 ? 10 DA  A OP1    1 
ATOM   298 O OP2    . DA  A 1 10 ? 9.575   5.839   -8.584  1.00 0.08 ? 10 DA  A OP2    1 
ATOM   299 O "O5'"  . DA  A 1 10 ? 10.133  6.960   -6.419  1.00 0.06 ? 10 DA  A "O5'"  1 
ATOM   300 C "C5'"  . DA  A 1 10 ? 9.805   7.607   -5.191  1.00 0.05 ? 10 DA  A "C5'"  1 
ATOM   301 C "C4'"  . DA  A 1 10 ? 10.883  7.488   -4.176  1.00 0.05 ? 10 DA  A "C4'"  1 
ATOM   302 O "O4'"  . DA  A 1 10 ? 11.059  6.132   -3.739  1.00 0.05 ? 10 DA  A "O4'"  1 
ATOM   303 C "C3'"  . DA  A 1 10 ? 12.200  7.966   -4.736  1.00 0.05 ? 10 DA  A "C3'"  1 
ATOM   304 O "O3'"  . DA  A 1 10 ? 12.851  8.865   -3.835  1.00 0.05 ? 10 DA  A "O3'"  1 
ATOM   305 C "C2'"  . DA  A 1 10 ? 12.994  6.701   -4.953  1.00 0.05 ? 10 DA  A "C2'"  1 
ATOM   306 C "C1'"  . DA  A 1 10 ? 12.446  5.790   -3.870  1.00 0.04 ? 10 DA  A "C1'"  1 
ATOM   307 N N9     . DA  A 1 10 ? 12.617  4.344   -4.197  1.00 0.04 ? 10 DA  A N9     1 
ATOM   308 C C8     . DA  A 1 10 ? 12.266  3.683   -5.334  1.00 0.05 ? 10 DA  A C8     1 
ATOM   309 N N7     . DA  A 1 10 ? 12.500  2.418   -5.390  1.00 0.05 ? 10 DA  A N7     1 
ATOM   310 C C5     . DA  A 1 10 ? 13.080  2.173   -4.145  1.00 0.04 ? 10 DA  A C5     1 
ATOM   311 C C6     . DA  A 1 10 ? 13.572  0.997   -3.553  1.00 0.05 ? 10 DA  A C6     1 
ATOM   312 N N6     . DA  A 1 10 ? 13.547  -0.174  -4.182  1.00 0.05 ? 10 DA  A N6     1 
ATOM   313 N N1     . DA  A 1 10 ? 14.089  1.078   -2.300  1.00 0.06 ? 10 DA  A N1     1 
ATOM   314 C C2     . DA  A 1 10 ? 14.111  2.270   -1.673  1.00 0.06 ? 10 DA  A C2     1 
ATOM   315 N N3     . DA  A 1 10 ? 13.669  3.451   -2.147  1.00 0.05 ? 10 DA  A N3     1 
ATOM   316 C C4     . DA  A 1 10 ? 13.160  3.334   -3.401  1.00 0.04 ? 10 DA  A C4     1 
ATOM   317 H "H5'"  . DA  A 1 10 ? 8.900   7.185   -4.794  1.00 0.06 ? 10 DA  A "H5'"  1 
ATOM   318 H "H5''" . DA  A 1 10 ? 9.662   8.645   -5.361  1.00 0.06 ? 10 DA  A "H5''" 1 
ATOM   319 H "H4'"  . DA  A 1 10 ? 10.624  8.102   -3.314  1.00 0.05 ? 10 DA  A "H4'"  1 
ATOM   320 H "H3'"  . DA  A 1 10 ? 12.013  8.468   -5.705  1.00 0.05 ? 10 DA  A "H3'"  1 
ATOM   321 H "H2'"  . DA  A 1 10 ? 12.851  6.277   -5.941  1.00 0.06 ? 10 DA  A "H2'"  1 
ATOM   322 H "H2''" . DA  A 1 10 ? 14.047  6.903   -4.774  1.00 0.05 ? 10 DA  A "H2''" 1 
ATOM   323 H "H1'"  . DA  A 1 10 ? 12.918  6.038   -2.951  1.00 0.04 ? 10 DA  A "H1'"  1 
ATOM   324 H H8     . DA  A 1 10 ? 11.799  4.204   -6.170  1.00 0.06 ? 10 DA  A H8     1 
ATOM   325 H H61    . DA  A 1 10 ? 13.910  -1.005  -3.722  1.00 0.06 ? 10 DA  A H61    1 
ATOM   326 H H62    . DA  A 1 10 ? 13.165  -0.237  -5.114  1.00 0.06 ? 10 DA  A H62    1 
ATOM   327 H H2     . DA  A 1 10 ? 14.534  2.281   -0.669  1.00 0.07 ? 10 DA  A H2     1 
ATOM   328 P P      . DG  A 1 11 ? 14.217  9.605   -4.258  1.00 0.04 ? 11 DG  A P      1 
ATOM   329 O OP1    . DG  A 1 11 ? 14.209  10.964  -3.671  1.00 0.07 ? 11 DG  A OP1    1 
ATOM   330 O OP2    . DG  A 1 11 ? 14.420  9.430   -5.714  1.00 0.06 ? 11 DG  A OP2    1 
ATOM   331 O "O5'"  . DG  A 1 11 ? 15.316  8.726   -3.487  1.00 0.04 ? 11 DG  A "O5'"  1 
ATOM   332 C "C5'"  . DG  A 1 11 ? 15.339  8.703   -2.059  1.00 0.04 ? 11 DG  A "C5'"  1 
ATOM   333 C "C4'"  . DG  A 1 11 ? 16.433  7.787   -1.527  1.00 0.03 ? 11 DG  A "C4'"  1 
ATOM   334 O "O4'"  . DG  A 1 11 ? 16.083  6.394   -1.684  1.00 0.03 ? 11 DG  A "O4'"  1 
ATOM   335 C "C3'"  . DG  A 1 11 ? 17.734  8.021   -2.238  1.00 0.03 ? 11 DG  A "C3'"  1 
ATOM   336 O "O3'"  . DG  A 1 11 ? 18.774  8.266   -1.282  1.00 0.04 ? 11 DG  A "O3'"  1 
ATOM   337 C "C2'"  . DG  A 1 11 ? 18.033  6.757   -3.012  1.00 0.03 ? 11 DG  A "C2'"  1 
ATOM   338 C "C1'"  . DG  A 1 11 ? 17.167  5.705   -2.336  1.00 0.03 ? 11 DG  A "C1'"  1 
ATOM   339 N N9     . DG  A 1 11 ? 16.690  4.671   -3.285  1.00 0.03 ? 11 DG  A N9     1 
ATOM   340 C C8     . DG  A 1 11 ? 15.880  4.757   -4.383  1.00 0.04 ? 11 DG  A C8     1 
ATOM   341 N N7     . DG  A 1 11 ? 15.639  3.661   -5.030  1.00 0.04 ? 11 DG  A N7     1 
ATOM   342 C C5     . DG  A 1 11 ? 16.367  2.722   -4.291  1.00 0.03 ? 11 DG  A C5     1 
ATOM   343 C C6     . DG  A 1 11 ? 16.518  1.314   -4.483  1.00 0.04 ? 11 DG  A C6     1 
ATOM   344 O O6     . DG  A 1 11 ? 16.031  0.606   -5.360  1.00 0.05 ? 11 DG  A O6     1 
ATOM   345 N N1     . DG  A 1 11 ? 17.336  0.744   -3.509  1.00 0.04 ? 11 DG  A N1     1 
ATOM   346 C C2     . DG  A 1 11 ? 17.941  1.434   -2.475  1.00 0.04 ? 11 DG  A C2     1 
ATOM   347 N N2     . DG  A 1 11 ? 18.691  0.714   -1.641  1.00 0.05 ? 11 DG  A N2     1 
ATOM   348 N N3     . DG  A 1 11 ? 17.805  2.753   -2.288  1.00 0.04 ? 11 DG  A N3     1 
ATOM   349 C C4     . DG  A 1 11 ? 17.010  3.333   -3.223  1.00 0.03 ? 11 DG  A C4     1 
ATOM   350 H "H5'"  . DG  A 1 11 ? 14.373  8.356   -1.689  1.00 0.05 ? 11 DG  A "H5'"  1 
ATOM   351 H "H5''" . DG  A 1 11 ? 15.516  9.715   -1.692  1.00 0.05 ? 11 DG  A "H5''" 1 
ATOM   352 H "H4'"  . DG  A 1 11 ? 16.593  8.005   -0.495  1.00 0.03 ? 11 DG  A "H4'"  1 
ATOM   353 H "H3'"  . DG  A 1 11 ? 17.622  8.864   -2.889  1.00 0.04 ? 11 DG  A "H3'"  1 
ATOM   354 H "HO3'" . DG  A 1 11 ? 18.860  7.510   -0.695  1.00 0.05 ? 11 DG  A "HO3'" 1 
ATOM   355 H "H2'"  . DG  A 1 11 ? 17.757  6.867   -4.061  1.00 0.04 ? 11 DG  A "H2'"  1 
ATOM   356 H "H2''" . DG  A 1 11 ? 19.087  6.498   -2.920  1.00 0.04 ? 11 DG  A "H2''" 1 
ATOM   357 H "H1'"  . DG  A 1 11 ? 17.768  5.215   -1.568  1.00 0.03 ? 11 DG  A "H1'"  1 
ATOM   358 H H8     . DG  A 1 11 ? 15.443  5.707   -4.707  1.00 0.04 ? 11 DG  A H8     1 
ATOM   359 H H1     . DG  A 1 11 ? 17.486  -0.251  -3.584  1.00 0.05 ? 11 DG  A H1     1 
ATOM   360 H H21    . DG  A 1 11 ? 18.791  -0.281  -1.783  1.00 0.05 ? 11 DG  A H21    1 
ATOM   361 H H22    . DG  A 1 11 ? 19.159  1.163   -0.866  1.00 0.05 ? 11 DG  A H22    1 
ATOM   362 O "O5'"  . DC  B 2 1  ? 19.756  -8.040  -3.274  2.00 0.06 ? 12 DC  B "O5'"  1 
ATOM   363 C "C5'"  . DC  B 2 1  ? 20.718  -8.027  -2.216  2.00 0.05 ? 12 DC  B "C5'"  1 
ATOM   364 C "C4'"  . DC  B 2 1  ? 20.360  -6.936  -1.208  2.00 0.05 ? 12 DC  B "C4'"  1 
ATOM   365 O "O4'"  . DC  B 2 1  ? 20.333  -5.632  -1.850  2.00 0.05 ? 12 DC  B "O4'"  1 
ATOM   366 C "C3'"  . DC  B 2 1  ? 18.986  -7.178  -0.589  2.00 0.03 ? 12 DC  B "C3'"  1 
ATOM   367 O "O3'"  . DC  B 2 1  ? 19.060  -7.452  0.818   2.00 0.04 ? 12 DC  B "O3'"  1 
ATOM   368 C "C2'"  . DC  B 2 1  ? 18.214  -5.909  -0.802  2.00 0.03 ? 12 DC  B "C2'"  1 
ATOM   369 C "C1'"  . DC  B 2 1  ? 19.155  -4.904  -1.434  2.00 0.04 ? 12 DC  B "C1'"  1 
ATOM   370 N N1     . DC  B 2 1  ? 18.495  -4.218  -2.579  2.00 0.04 ? 12 DC  B N1     1 
ATOM   371 C C2     . DC  B 2 1  ? 18.382  -2.827  -2.525  2.00 0.04 ? 12 DC  B C2     1 
ATOM   372 O O2     . DC  B 2 1  ? 18.824  -2.200  -1.565  2.00 0.05 ? 12 DC  B O2     1 
ATOM   373 N N3     . DC  B 2 1  ? 17.768  -2.186  -3.562  2.00 0.04 ? 12 DC  B N3     1 
ATOM   374 C C4     . DC  B 2 1  ? 17.282  -2.869  -4.609  2.00 0.04 ? 12 DC  B C4     1 
ATOM   375 N N4     . DC  B 2 1  ? 16.690  -2.207  -5.605  2.00 0.05 ? 12 DC  B N4     1 
ATOM   376 C C5     . DC  B 2 1  ? 17.392  -4.296  -4.673  2.00 0.04 ? 12 DC  B C5     1 
ATOM   377 C C6     . DC  B 2 1  ? 18.001  -4.926  -3.645  2.00 0.04 ? 12 DC  B C6     1 
ATOM   378 H "H5'"  . DC  B 2 1  ? 21.708  -7.829  -2.628  2.00 0.06 ? 12 DC  B "H5'"  1 
ATOM   379 H "H5''" . DC  B 2 1  ? 20.722  -8.997  -1.717  2.00 0.06 ? 12 DC  B "H5''" 1 
ATOM   380 H "H4'"  . DC  B 2 1  ? 21.107  -6.923  -0.416  2.00 0.05 ? 12 DC  B "H4'"  1 
ATOM   381 H "H3'"  . DC  B 2 1  ? 18.471  -8.016  -1.091  2.00 0.03 ? 12 DC  B "H3'"  1 
ATOM   382 H "H2'"  . DC  B 2 1  ? 17.358  -6.094  -1.453  2.00 0.03 ? 12 DC  B "H2'"  1 
ATOM   383 H "H2''" . DC  B 2 1  ? 17.909  -5.543  0.149   2.00 0.04 ? 12 DC  B "H2''" 1 
ATOM   384 H "H1'"  . DC  B 2 1  ? 19.422  -4.144  -0.678  2.00 0.04 ? 12 DC  B "H1'"  1 
ATOM   385 H H41    . DC  B 2 1  ? 16.610  -1.201  -5.567  2.00 0.05 ? 12 DC  B H41    1 
ATOM   386 H H42    . DC  B 2 1  ? 16.323  -2.712  -6.399  2.00 0.05 ? 12 DC  B H42    1 
ATOM   387 H H5     . DC  B 2 1  ? 16.998  -4.854  -5.523  2.00 0.05 ? 12 DC  B H5     1 
ATOM   388 H H6     . DC  B 2 1  ? 18.093  -6.007  -3.663  2.00 0.04 ? 12 DC  B H6     1 
ATOM   389 H "HO5'" . DC  B 2 1  ? 19.839  -7.236  -3.793  1.00 0.06 ? 12 DC  B "HO5'" 1 
ATOM   390 P P      . DT  B 2 2  ? 17.691  -7.658  1.665   2.00 0.04 ? 13 DT  B P      1 
ATOM   391 O OP1    . DT  B 2 2  ? 17.981  -8.571  2.793   2.00 0.05 ? 13 DT  B OP1    1 
ATOM   392 O OP2    . DT  B 2 2  ? 16.600  -7.987  0.719   2.00 0.04 ? 13 DT  B OP2    1 
ATOM   393 O "O5'"  . DT  B 2 2  ? 17.402  -6.185  2.271   2.00 0.05 ? 13 DT  B "O5'"  1 
ATOM   394 C "C5'"  . DT  B 2 2  ? 18.310  -5.617  3.218   2.00 0.05 ? 13 DT  B "C5'"  1 
ATOM   395 C "C4'"  . DT  B 2 2  ? 18.558  -4.119  3.013   2.00 0.04 ? 13 DT  B "C4'"  1 
ATOM   396 O "O4'"  . DT  B 2 2  ? 18.185  -3.638  1.690   2.00 0.05 ? 13 DT  B "O4'"  1 
ATOM   397 C "C3'"  . DT  B 2 2  ? 17.823  -3.244  4.010   2.00 0.04 ? 13 DT  B "C3'"  1 
ATOM   398 O "O3'"  . DT  B 2 2  ? 18.697  -2.252  4.553   2.00 0.05 ? 13 DT  B "O3'"  1 
ATOM   399 C "C2'"  . DT  B 2 2  ? 16.692  -2.587  3.218   2.00 0.04 ? 13 DT  B "C2'"  1 
ATOM   400 C "C1'"  . DT  B 2 2  ? 17.276  -2.499  1.807   2.00 0.04 ? 13 DT  B "C1'"  1 
ATOM   401 N N1     . DT  B 2 2  ? 16.289  -2.518  0.669   2.00 0.03 ? 13 DT  B N1     1 
ATOM   402 C C2     . DT  B 2 2  ? 16.069  -1.314  -0.022  2.00 0.04 ? 13 DT  B C2     1 
ATOM   403 O O2     . DT  B 2 2  ? 16.608  -0.260  0.308   2.00 0.05 ? 13 DT  B O2     1 
ATOM   404 N N3     . DT  B 2 2  ? 15.213  -1.381  -1.129  2.00 0.04 ? 13 DT  B N3     1 
ATOM   405 C C4     . DT  B 2 2  ? 14.577  -2.535  -1.590  2.00 0.04 ? 13 DT  B C4     1 
ATOM   406 O O4     . DT  B 2 2  ? 13.857  -2.511  -2.583  2.00 0.05 ? 13 DT  B O4     1 
ATOM   407 C C5     . DT  B 2 2  ? 14.863  -3.721  -0.815  2.00 0.04 ? 13 DT  B C5     1 
ATOM   408 C C7     . DT  B 2 2  ? 14.221  -5.047  -1.218  2.00 0.04 ? 13 DT  B C7     1 
ATOM   409 C C6     . DT  B 2 2  ? 15.682  -3.687  0.256   2.00 0.03 ? 13 DT  B C6     1 
ATOM   410 H "H5'"  . DT  B 2 2  ? 19.264  -6.138  3.133   2.00 0.07 ? 13 DT  B "H5'"  1 
ATOM   411 H "H5''" . DT  B 2 2  ? 17.916  -5.777  4.221   2.00 0.07 ? 13 DT  B "H5''" 1 
ATOM   412 H "H4'"  . DT  B 2 2  ? 19.626  -3.941  3.139   2.00 0.05 ? 13 DT  B "H4'"  1 
ATOM   413 H "H3'"  . DT  B 2 2  ? 17.422  -3.885  4.833   2.00 0.05 ? 13 DT  B "H3'"  1 
ATOM   414 H "H2'"  . DT  B 2 2  ? 15.747  -3.133  3.279   2.00 0.04 ? 13 DT  B "H2'"  1 
ATOM   415 H "H2''" . DT  B 2 2  ? 16.569  -1.573  3.593   2.00 0.05 ? 13 DT  B "H2''" 1 
ATOM   416 H "H1'"  . DT  B 2 2  ? 17.854  -1.573  1.743   2.00 0.05 ? 13 DT  B "H1'"  1 
ATOM   417 H H3     . DT  B 2 2  ? 15.041  -0.523  -1.633  2.00 0.05 ? 13 DT  B H3     1 
ATOM   418 H H71    . DT  B 2 2  ? 13.592  -4.896  -2.096  2.00 0.06 ? 13 DT  B H71    1 
ATOM   419 H H72    . DT  B 2 2  ? 13.611  -5.419  -0.395  2.00 0.06 ? 13 DT  B H72    1 
ATOM   420 H H73    . DT  B 2 2  ? 15.001  -5.773  -1.450  2.00 0.05 ? 13 DT  B H73    1 
ATOM   421 H H6     . DT  B 2 2  ? 15.864  -4.608  0.792   2.00 0.04 ? 13 DT  B H6     1 
ATOM   422 P P      . DT  B 2 3  ? 18.322  -1.503  5.926   2.00 0.07 ? 14 DT  B P      1 
ATOM   423 O OP1    . DT  B 2 3  ? 19.041  -0.209  5.958   2.00 0.12 ? 14 DT  B OP1    1 
ATOM   424 O OP2    . DT  B 2 3  ? 18.483  -2.465  7.039   2.00 0.10 ? 14 DT  B OP2    1 
ATOM   425 O "O5'"  . DT  B 2 3  ? 16.749  -1.202  5.742   2.00 0.07 ? 14 DT  B "O5'"  1 
ATOM   426 C "C5'"  . DT  B 2 3  ? 16.048  -0.421  6.709   2.00 0.07 ? 14 DT  B "C5'"  1 
ATOM   427 C "C4'"  . DT  B 2 3  ? 15.308  0.746   6.065   2.00 0.04 ? 14 DT  B "C4'"  1 
ATOM   428 O "O4'"  . DT  B 2 3  ? 15.107  0.543   4.641   2.00 0.04 ? 14 DT  B "O4'"  1 
ATOM   429 C "C3'"  . DT  B 2 3  ? 13.921  1.019   6.660   2.00 0.04 ? 14 DT  B "C3'"  1 
ATOM   430 O "O3'"  . DT  B 2 3  ? 13.714  2.414   6.924   2.00 0.06 ? 14 DT  B "O3'"  1 
ATOM   431 C "C2'"  . DT  B 2 3  ? 12.964  0.556   5.612   2.00 0.03 ? 14 DT  B "C2'"  1 
ATOM   432 C "C1'"  . DT  B 2 3  ? 13.711  0.771   4.328   2.00 0.03 ? 14 DT  B "C1'"  1 
ATOM   433 N N1     . DT  B 2 3  ? 13.196  -0.156  3.295   2.00 0.03 ? 14 DT  B N1     1 
ATOM   434 C C2     . DT  B 2 3  ? 12.460  0.376   2.238   2.00 0.03 ? 14 DT  B C2     1 
ATOM   435 O O2     . DT  B 2 3  ? 12.241  1.579   2.124   2.00 0.05 ? 14 DT  B O2     1 
ATOM   436 N N3     . DT  B 2 3  ? 11.978  -0.536  1.313   2.00 0.03 ? 14 DT  B N3     1 
ATOM   437 C C4     . DT  B 2 3  ? 12.172  -1.922  1.357   2.00 0.03 ? 14 DT  B C4     1 
ATOM   438 O O4     . DT  B 2 3  ? 11.724  -2.658  0.485   2.00 0.04 ? 14 DT  B O4     1 
ATOM   439 C C5     . DT  B 2 3  ? 12.944  -2.376  2.492   2.00 0.03 ? 14 DT  B C5     1 
ATOM   440 C C7     . DT  B 2 3  ? 13.220  -3.869  2.657   2.00 0.05 ? 14 DT  B C7     1 
ATOM   441 C C6     . DT  B 2 3  ? 13.421  -1.505  3.404   2.00 0.03 ? 14 DT  B C6     1 
ATOM   442 H "H5'"  . DT  B 2 3  ? 16.782  -0.017  7.407   2.00 0.09 ? 14 DT  B "H5'"  1 
ATOM   443 H "H5''" . DT  B 2 3  ? 15.342  -1.055  7.245   2.00 0.09 ? 14 DT  B "H5''" 1 
ATOM   444 H "H4'"  . DT  B 2 3  ? 15.914  1.643   6.191   2.00 0.05 ? 14 DT  B "H4'"  1 
ATOM   445 H "H3'"  . DT  B 2 3  ? 13.755  0.439   7.578   2.00 0.06 ? 14 DT  B "H3'"  1 
ATOM   446 H "H2'"  . DT  B 2 3  ? 12.656  -0.495  5.717   2.00 0.04 ? 14 DT  B "H2'"  1 
ATOM   447 H "H2''" . DT  B 2 3  ? 12.116  1.218   5.643   2.00 0.05 ? 14 DT  B "H2''" 1 
ATOM   448 H "H1'"  . DT  B 2 3  ? 13.592  1.796   4.009   2.00 0.04 ? 14 DT  B "H1'"  1 
ATOM   449 H H3     . DT  B 2 3  ? 11.433  -0.162  0.551   2.00 0.04 ? 14 DT  B H3     1 
ATOM   450 H H71    . DT  B 2 3  ? 12.945  -4.180  3.664   2.00 0.10 ? 14 DT  B H71    1 
ATOM   451 H H72    . DT  B 2 3  ? 14.278  -4.065  2.493   2.00 0.08 ? 14 DT  B H72    1 
ATOM   452 H H73    . DT  B 2 3  ? 12.632  -4.430  1.930   2.00 0.07 ? 14 DT  B H73    1 
ATOM   453 H H6     . DT  B 2 3  ? 13.984  -1.883  4.255   2.00 0.04 ? 14 DT  B H6     1 
ATOM   454 P P      . DC  B 2 4  ? 12.352  2.909   7.645   2.00 0.10 ? 15 DC  B P      1 
ATOM   455 O OP1    . DC  B 2 4  ? 12.451  4.370   7.860   2.00 0.15 ? 15 DC  B OP1    1 
ATOM   456 O OP2    . DC  B 2 4  ? 12.086  2.014   8.795   2.00 0.13 ? 15 DC  B OP2    1 
ATOM   457 O "O5'"  . DC  B 2 4  ? 11.214  2.637   6.524   2.00 0.07 ? 15 DC  B "O5'"  1 
ATOM   458 C "C5'"  . DC  B 2 4  ? 11.216  3.360   5.284   2.00 0.08 ? 15 DC  B "C5'"  1 
ATOM   459 C "C4'"  . DC  B 2 4  ? 9.817   3.497   4.669   2.00 0.06 ? 15 DC  B "C4'"  1 
ATOM   460 O "O4'"  . DC  B 2 4  ? 9.600   2.559   3.558   2.00 0.06 ? 15 DC  B "O4'"  1 
ATOM   461 C "C3'"  . DC  B 2 4  ? 8.687   3.274   5.691   2.00 0.06 ? 15 DC  B "C3'"  1 
ATOM   462 O "O3'"  . DC  B 2 4  ? 7.695   4.324   5.647   2.00 0.05 ? 15 DC  B "O3'"  1 
ATOM   463 C "C2'"  . DC  B 2 4  ? 8.061   1.967   5.267   2.00 0.05 ? 15 DC  B "C2'"  1 
ATOM   464 C "C1'"  . DC  B 2 4  ? 8.299   1.951   3.711   2.00 0.05 ? 15 DC  B "C1'"  1 
ATOM   465 N N1     . DC  B 2 4  ? 8.214   0.563   3.165   2.00 0.05 ? 15 DC  B N1     1 
ATOM   466 C C2     . DC  B 2 4  ? 7.512   0.403   1.963   2.00 0.05 ? 15 DC  B C2     1 
ATOM   467 O O2     . DC  B 2 4  ? 7.009   1.379   1.388   2.00 0.05 ? 15 DC  B O2     1 
ATOM   468 N N3     . DC  B 2 4  ? 7.389   -0.856  1.451   2.00 0.05 ? 15 DC  B N3     1 
ATOM   469 C C4     . DC  B 2 4  ? 7.924   -1.917  2.078   2.00 0.05 ? 15 DC  B C4     1 
ATOM   470 N N4     . DC  B 2 4  ? 7.786   -3.128  1.547   2.00 0.06 ? 15 DC  B N4     1 
ATOM   471 C C5     . DC  B 2 4  ? 8.638   -1.767  3.305   2.00 0.05 ? 15 DC  B C5     1 
ATOM   472 C C6     . DC  B 2 4  ? 8.763   -0.527  3.814   2.00 0.05 ? 15 DC  B C6     1 
ATOM   473 H "H5'"  . DC  B 2 4  ? 11.864  2.850   4.573   2.00 0.10 ? 15 DC  B "H5'"  1 
ATOM   474 H "H5''" . DC  B 2 4  ? 11.615  4.359   5.465   2.00 0.14 ? 15 DC  B "H5''" 1 
ATOM   475 H "H4'"  . DC  B 2 4  ? 9.720   4.509   4.277   2.00 0.07 ? 15 DC  B "H4'"  1 
ATOM   476 H "H3'"  . DC  B 2 4  ? 9.117   3.192   6.727   2.00 0.07 ? 15 DC  B "H3'"  1 
ATOM   477 H "H2'"  . DC  B 2 4  ? 8.541   1.102   5.806   2.00 0.06 ? 15 DC  B "H2'"  1 
ATOM   478 H "H2''" . DC  B 2 4  ? 7.018   1.994   5.498   2.00 0.05 ? 15 DC  B "H2''" 1 
ATOM   479 H "H1'"  . DC  B 2 4  ? 7.555   2.610   3.112   2.00 0.05 ? 15 DC  B "H1'"  1 
ATOM   480 H H41    . DC  B 2 4  ? 7.285   -3.244  0.678   2.00 0.06 ? 15 DC  B H41    1 
ATOM   481 H H42    . DC  B 2 4  ? 8.186   -3.932  2.011   2.00 0.06 ? 15 DC  B H42    1 
ATOM   482 H H5     . DC  B 2 4  ? 9.070   -2.630  3.813   2.00 0.06 ? 15 DC  B H5     1 
ATOM   483 H H6     . DC  B 2 4  ? 9.290   -0.401  4.753   2.00 0.06 ? 15 DC  B H6     1 
ATOM   484 P P      . DT  B 2 5  ? 6.308   4.200   6.496   2.00 0.06 ? 16 DT  B P      1 
ATOM   485 O OP1    . DT  B 2 5  ? 6.153   5.435   7.296   2.00 0.08 ? 16 DT  B OP1    1 
ATOM   486 O OP2    . DT  B 2 5  ? 6.286   2.885   7.175   2.00 0.08 ? 16 DT  B OP2    1 
ATOM   487 O "O5'"  . DT  B 2 5  ? 5.152   4.193   5.355   2.00 0.06 ? 16 DT  B "O5'"  1 
ATOM   488 C "C5'"  . DT  B 2 5  ? 4.949   5.355   4.544   2.00 0.05 ? 16 DT  B "C5'"  1 
ATOM   489 C "C4'"  . DT  B 2 5  ? 5.145   5.101   3.092   2.00 0.05 ? 16 DT  B "C4'"  1 
ATOM   490 O "O4'"  . DT  B 2 5  ? 5.458   3.737   2.885   2.00 0.05 ? 16 DT  B "O4'"  1 
ATOM   491 C "C3'"  . DT  B 2 5  ? 3.960   5.438   2.187   2.00 0.05 ? 16 DT  B "C3'"  1 
ATOM   492 O "O3'"  . DT  B 2 5  ? 4.378   6.170   1.029   2.00 0.07 ? 16 DT  B "O3'"  1 
ATOM   493 C "C2'"  . DT  B 2 5  ? 3.391   4.101   1.836   2.00 0.04 ? 16 DT  B "C2'"  1 
ATOM   494 C "C1'"  . DT  B 2 5  ? 4.587   3.234   1.885   2.00 0.05 ? 16 DT  B "C1'"  1 
ATOM   495 N N1     . DT  B 2 5  ? 4.293   1.798   2.099   2.00 0.04 ? 16 DT  B N1     1 
ATOM   496 C C2     . DT  B 2 5  ? 3.909   1.054   0.992   2.00 0.04 ? 16 DT  B C2     1 
ATOM   497 O O2     . DT  B 2 5  ? 3.777   1.556   -0.119  2.00 0.05 ? 16 DT  B O2     1 
ATOM   498 N N3     . DT  B 2 5  ? 3.677   -0.295  1.215   2.00 0.04 ? 16 DT  B N3     1 
ATOM   499 C C4     . DT  B 2 5  ? 3.793   -0.948  2.435   2.00 0.04 ? 16 DT  B C4     1 
ATOM   500 O O4     . DT  B 2 5  ? 3.567   -2.147  2.523   2.00 0.04 ? 16 DT  B O4     1 
ATOM   501 C C5     . DT  B 2 5  ? 4.196   -0.097  3.535   2.00 0.04 ? 16 DT  B C5     1 
ATOM   502 C C7     . DT  B 2 5  ? 4.360   -0.699  4.928   2.00 0.05 ? 16 DT  B C7     1 
ATOM   503 C C6     . DT  B 2 5  ? 4.430   1.217   3.351   2.00 0.03 ? 16 DT  B C6     1 
ATOM   504 H "H5'"  . DT  B 2 5  ? 5.703   6.035   4.791   2.00 0.07 ? 16 DT  B "H5'"  1 
ATOM   505 H "H5''" . DT  B 2 5  ? 3.966   5.790   4.732   2.00 0.08 ? 16 DT  B "H5''" 1 
ATOM   506 H "H4'"  . DT  B 2 5  ? 5.999   5.686   2.760   2.00 0.06 ? 16 DT  B "H4'"  1 
ATOM   507 H "H3'"  . DT  B 2 5  ? 3.208   6.012   2.741   2.00 0.06 ? 16 DT  B "H3'"  1 
ATOM   508 H "H2'"  . DT  B 2 5  ? 2.663   3.778   2.497   2.00 0.05 ? 16 DT  B "H2'"  1 
ATOM   509 H "H2''" . DT  B 2 5  ? 3.006   4.120   0.815   2.00 0.05 ? 16 DT  B "H2''" 1 
ATOM   510 H "H1'"  . DT  B 2 5  ? 5.053   3.378   1.000   2.00 0.05 ? 16 DT  B "H1'"  1 
ATOM   511 H H3     . DT  B 2 5  ? 3.399   -0.850  0.421   2.00 0.04 ? 16 DT  B H3     1 
ATOM   512 H H71    . DT  B 2 5  ? 3.676   -0.205  5.620   2.00 0.05 ? 16 DT  B H71    1 
ATOM   513 H H72    . DT  B 2 5  ? 5.386   -0.556  5.268   2.00 0.05 ? 16 DT  B H72    1 
ATOM   514 H H73    . DT  B 2 5  ? 4.135   -1.765  4.895   2.00 0.06 ? 16 DT  B H73    1 
ATOM   515 H H6     . DT  B 2 5  ? 4.733   1.826   4.216   2.00 0.04 ? 16 DT  B H6     1 
ATOM   516 P P      . DT  B 2 6  ? 4.107   7.763   0.924   2.00 0.09 ? 17 DT  B P      1 
ATOM   517 O OP1    . DT  B 2 6  ? 5.206   8.369   0.137   2.00 0.12 ? 17 DT  B OP1    1 
ATOM   518 O OP2    . DT  B 2 6  ? 3.801   8.278   2.278   2.00 0.11 ? 17 DT  B OP2    1 
ATOM   519 O "O5'"  . DT  B 2 6  ? 2.759   7.836   0.042   2.00 0.08 ? 17 DT  B "O5'"  1 
ATOM   520 C "C5'"  . DT  B 2 6  ? 2.719   7.193   -1.231  2.00 0.08 ? 17 DT  B "C5'"  1 
ATOM   521 C "C4'"  . DT  B 2 6  ? 1.436   6.460   -1.487  2.00 0.07 ? 17 DT  B "C4'"  1 
ATOM   522 O "O4'"  . DT  B 2 6  ? 1.417   5.244   -0.712  2.00 0.06 ? 17 DT  B "O4'"  1 
ATOM   523 C "C3'"  . DT  B 2 6  ? 0.118   7.217   -1.179  2.00 0.06 ? 17 DT  B "C3'"  1 
ATOM   524 O "O3'"  . DT  B 2 6  ? -0.862  7.287   -2.228  2.00 0.07 ? 17 DT  B "O3'"  1 
ATOM   525 C "C2'"  . DT  B 2 6  ? -0.412  6.524   -0.001  2.00 0.05 ? 17 DT  B "C2'"  1 
ATOM   526 C "C1'"  . DT  B 2 6  ? 0.110   5.113   -0.170  2.00 0.05 ? 17 DT  B "C1'"  1 
ATOM   527 N N1     . DT  B 2 6  ? 0.179   4.164   0.958   2.00 0.05 ? 17 DT  B N1     1 
ATOM   528 C C2     . DT  B 2 6  ? -0.232  2.849   0.758   2.00 0.05 ? 17 DT  B C2     1 
ATOM   529 O O2     . DT  B 2 6  ? -0.595  2.395   -0.329  2.00 0.05 ? 17 DT  B O2     1 
ATOM   530 N N3     . DT  B 2 6  ? -0.205  2.051   1.863   2.00 0.05 ? 17 DT  B N3     1 
ATOM   531 C C4     . DT  B 2 6  ? 0.193   2.403   3.139   2.00 0.05 ? 17 DT  B C4     1 
ATOM   532 O O4     . DT  B 2 6  ? 0.189   1.573   4.040   2.00 0.06 ? 17 DT  B O4     1 
ATOM   533 C C5     . DT  B 2 6  ? 0.604   3.781   3.269   2.00 0.05 ? 17 DT  B C5     1 
ATOM   534 C C7     . DT  B 2 6  ? 1.064   4.308   4.625   2.00 0.06 ? 17 DT  B C7     1 
ATOM   535 C C6     . DT  B 2 6  ? 0.587   4.605   2.204   2.00 0.04 ? 17 DT  B C6     1 
ATOM   536 H "H5'"  . DT  B 2 6  ? 3.516   6.457   -1.269  2.00 0.08 ? 17 DT  B "H5'"  1 
ATOM   537 H "H5''" . DT  B 2 6  ? 2.873   7.902   -2.023  2.00 0.08 ? 17 DT  B "H5''" 1 
ATOM   538 H "H4'"  . DT  B 2 6  ? 1.419   6.175   -2.536  2.00 0.07 ? 17 DT  B "H4'"  1 
ATOM   539 H "H3'"  . DT  B 2 6  ? 0.347   8.233   -0.842  2.00 0.07 ? 17 DT  B "H3'"  1 
ATOM   540 H "H2'"  . DT  B 2 6  ? -0.072  6.980   0.908   2.00 0.06 ? 17 DT  B "H2'"  1 
ATOM   541 H "H2''" . DT  B 2 6  ? -1.502  6.522   -0.037  2.00 0.06 ? 17 DT  B "H2''" 1 
ATOM   542 H "H1'"  . DT  B 2 6  ? -0.430  4.587   -0.903  2.00 0.05 ? 17 DT  B "H1'"  1 
ATOM   543 H H3     . DT  B 2 6  ? -0.529  1.128   1.732   2.00 0.05 ? 17 DT  B H3     1 
ATOM   544 H H71    . DT  B 2 6  ? 0.417   5.127   4.936   1.00 0.06 ? 17 DT  B H71    1 
ATOM   545 H H72    . DT  B 2 6  ? 2.091   4.666   4.547   1.00 0.06 ? 17 DT  B H72    1 
ATOM   546 H H73    . DT  B 2 6  ? 1.016   3.506   5.362   1.00 0.06 ? 17 DT  B H73    1 
ATOM   547 H H6     . DT  B 2 6  ? 0.881   5.654   2.336   2.00 0.04 ? 17 DT  B H6     1 
ATOM   548 P P      . DG  B 2 7  ? -1.977  8.470   -2.110  2.00 0.07 ? 18 DG  B P      1 
ATOM   549 O OP1    . DG  B 2 7  ? -1.371  9.717   -2.627  2.00 0.10 ? 18 DG  B OP1    1 
ATOM   550 O OP2    . DG  B 2 7  ? -2.524  8.446   -0.734  2.00 0.10 ? 18 DG  B OP2    1 
ATOM   551 O "O5'"  . DG  B 2 7  ? -3.163  8.045   -3.112  2.00 0.05 ? 18 DG  B "O5'"  1 
ATOM   552 C "C5'"  . DG  B 2 7  ? -2.922  7.983   -4.510  2.00 0.05 ? 18 DG  B "C5'"  1 
ATOM   553 C "C4'"  . DG  B 2 7  ? -2.795  6.543   -4.972  2.00 0.04 ? 18 DG  B "C4'"  1 
ATOM   554 O "O4'"  . DG  B 2 7  ? -2.445  5.633   -3.876  2.00 0.05 ? 18 DG  B "O4'"  1 
ATOM   555 C "C3'"  . DG  B 2 7  ? -4.059  5.992   -5.603  2.00 0.03 ? 18 DG  B "C3'"  1 
ATOM   556 O "O3'"  . DG  B 2 7  ? -3.807  5.343   -6.850  2.00 0.04 ? 18 DG  B "O3'"  1 
ATOM   557 C "C2'"  . DG  B 2 7  ? -4.639  5.040   -4.563  2.00 0.03 ? 18 DG  B "C2'"  1 
ATOM   558 C "C1'"  . DG  B 2 7  ? -3.406  4.535   -3.813  2.00 0.04 ? 18 DG  B "C1'"  1 
ATOM   559 N N9     . DG  B 2 7  ? -3.728  4.148   -2.399  2.00 0.03 ? 18 DG  B N9     1 
ATOM   560 C C8     . DG  B 2 7  ? -3.922  4.908   -1.265  2.00 0.04 ? 18 DG  B C8     1 
ATOM   561 N N7     . DG  B 2 7  ? -4.182  4.281   -0.165  2.00 0.03 ? 18 DG  B N7     1 
ATOM   562 C C5     . DG  B 2 7  ? -4.168  2.946   -0.573  2.00 0.03 ? 18 DG  B C5     1 
ATOM   563 C C6     . DG  B 2 7  ? -4.385  1.753   0.184   2.00 0.04 ? 18 DG  B C6     1 
ATOM   564 O O6     . DG  B 2 7  ? -4.643  1.636   1.381   2.00 0.04 ? 18 DG  B O6     1 
ATOM   565 N N1     . DG  B 2 7  ? -4.281  0.617   -0.602  2.00 0.04 ? 18 DG  B N1     1 
ATOM   566 C C2     . DG  B 2 7  ? -4.003  0.607   -1.958  2.00 0.04 ? 18 DG  B C2     1 
ATOM   567 N N2     . DG  B 2 7  ? -3.947  -0.593  -2.538  2.00 0.04 ? 18 DG  B N2     1 
ATOM   568 N N3     . DG  B 2 7  ? -3.796  1.720   -2.682  2.00 0.04 ? 18 DG  B N3     1 
ATOM   569 C C4     . DG  B 2 7  ? -3.891  2.852   -1.935  2.00 0.03 ? 18 DG  B C4     1 
ATOM   570 H "H5'"  . DG  B 2 7  ? -1.986  8.501   -4.725  2.00 0.07 ? 18 DG  B "H5'"  1 
ATOM   571 H "H5''" . DG  B 2 7  ? -3.733  8.480   -5.059  2.00 0.06 ? 18 DG  B "H5''" 1 
ATOM   572 H "H4'"  . DG  B 2 7  ? -1.997  6.494   -5.711  2.00 0.06 ? 18 DG  B "H4'"  1 
ATOM   573 H "H3'"  . DG  B 2 7  ? -4.763  6.853   -5.775  2.00 0.04 ? 18 DG  B "H3'"  1 
ATOM   574 H "H2'"  . DG  B 2 7  ? -5.414  5.513   -3.904  2.00 0.04 ? 18 DG  B "H2'"  1 
ATOM   575 H "H2''" . DG  B 2 7  ? -5.048  4.174   -5.099  2.00 0.04 ? 18 DG  B "H2''" 1 
ATOM   576 H "H1'"  . DG  B 2 7  ? -2.985  3.653   -4.330  2.00 0.05 ? 18 DG  B "H1'"  1 
ATOM   577 H H8     . DG  B 2 7  ? -3.859  5.999   -1.272  2.00 0.04 ? 18 DG  B H8     1 
ATOM   578 H H1     . DG  B 2 7  ? -4.422  -0.260  -0.124  2.00 0.04 ? 18 DG  B H1     1 
ATOM   579 H H21    . DG  B 2 7  ? -4.104  -1.426  -1.988  2.00 0.05 ? 18 DG  B H21    1 
ATOM   580 H H22    . DG  B 2 7  ? -3.746  -0.669  -3.525  2.00 0.05 ? 18 DG  B H22    1 
ATOM   581 P P      . DT  B 2 8  ? -4.680  5.775   -8.137  2.00 0.05 ? 19 DT  B P      1 
ATOM   582 O OP1    . DT  B 2 8  ? -3.948  5.358   -9.354  2.00 0.07 ? 19 DT  B OP1    1 
ATOM   583 O OP2    . DT  B 2 8  ? -5.088  7.189   -7.972  2.00 0.07 ? 19 DT  B OP2    1 
ATOM   584 O "O5'"  . DT  B 2 8  ? -5.995  4.853   -7.998  2.00 0.05 ? 19 DT  B "O5'"  1 
ATOM   585 C "C5'"  . DT  B 2 8  ? -5.876  3.436   -8.113  2.00 0.04 ? 19 DT  B "C5'"  1 
ATOM   586 C "C4'"  . DT  B 2 8  ? -6.941  2.670   -7.341  2.00 0.03 ? 19 DT  B "C4'"  1 
ATOM   587 O "O4'"  . DT  B 2 8  ? -6.753  2.735   -5.910  2.00 0.03 ? 19 DT  B "O4'"  1 
ATOM   588 C "C3'"  . DT  B 2 8  ? -8.373  3.137   -7.629  2.00 0.03 ? 19 DT  B "C3'"  1 
ATOM   589 O "O3'"  . DT  B 2 8  ? -9.204  2.023   -8.003  2.00 0.04 ? 19 DT  B "O3'"  1 
ATOM   590 C "C2'"  . DT  B 2 8  ? -8.834  3.776   -6.348  2.00 0.03 ? 19 DT  B "C2'"  1 
ATOM   591 C "C1'"  . DT  B 2 8  ? -8.037  2.977   -5.325  2.00 0.03 ? 19 DT  B "C1'"  1 
ATOM   592 N N1     . DT  B 2 8  ? -7.946  3.468   -3.891  2.00 0.03 ? 19 DT  B N1     1 
ATOM   593 C C2     . DT  B 2 8  ? -8.072  2.447   -2.937  2.00 0.04 ? 19 DT  B C2     1 
ATOM   594 O O2     . DT  B 2 8  ? -8.258  1.274   -3.260  2.00 0.05 ? 19 DT  B O2     1 
ATOM   595 N N3     . DT  B 2 8  ? -7.972  2.810   -1.604  2.00 0.04 ? 19 DT  B N3     1 
ATOM   596 C C4     . DT  B 2 8  ? -7.761  4.089   -1.125  2.00 0.03 ? 19 DT  B C4     1 
ATOM   597 O O4     . DT  B 2 8  ? -7.694  4.296   0.084   2.00 0.04 ? 19 DT  B O4     1 
ATOM   598 C C5     . DT  B 2 8  ? -7.638  5.102   -2.160  2.00 0.03 ? 19 DT  B C5     1 
ATOM   599 C C7     . DT  B 2 8  ? -7.401  6.554   -1.752  2.00 0.04 ? 19 DT  B C7     1 
ATOM   600 C C6     . DT  B 2 8  ? -7.728  4.792   -3.478  2.00 0.03 ? 19 DT  B C6     1 
ATOM   601 H "H5'"  . DT  B 2 8  ? -4.894  3.132   -7.750  2.00 0.04 ? 19 DT  B "H5'"  1 
ATOM   602 H "H5''" . DT  B 2 8  ? -5.962  3.165   -9.159  2.00 0.05 ? 19 DT  B "H5''" 1 
ATOM   603 H "H4'"  . DT  B 2 8  ? -6.870  1.622   -7.635  2.00 0.04 ? 19 DT  B "H4'"  1 
ATOM   604 H "H3'"  . DT  B 2 8  ? -8.361  3.897   -8.414  2.00 0.04 ? 19 DT  B "H3'"  1 
ATOM   605 H "H2'"  . DT  B 2 8  ? -8.614  4.830   -6.392  2.00 0.04 ? 19 DT  B "H2'"  1 
ATOM   606 H "H2''" . DT  B 2 8  ? -9.888  3.602   -6.207  2.00 0.04 ? 19 DT  B "H2''" 1 
ATOM   607 H "H1'"  . DT  B 2 8  ? -8.534  2.006   -5.294  2.00 0.03 ? 19 DT  B "H1'"  1 
ATOM   608 H H3     . DT  B 2 8  ? -8.065  2.073   -0.922  2.00 0.05 ? 19 DT  B H3     1 
ATOM   609 H H71    . DT  B 2 8  ? -8.216  7.174   -2.126  1.00 0.05 ? 19 DT  B H71    1 
ATOM   610 H H72    . DT  B 2 8  ? -6.459  6.902   -2.175  1.00 0.05 ? 19 DT  B H72    1 
ATOM   611 H H73    . DT  B 2 8  ? -7.359  6.626   -0.666  1.00 0.05 ? 19 DT  B H73    1 
ATOM   612 H H6     . DT  B 2 8  ? -7.614  5.605   -4.197  2.00 0.03 ? 19 DT  B H6     1 
ATOM   613 P P      . DC  B 2 9  ? -10.790 2.178   -8.282  2.00 0.04 ? 20 DC  B P      1 
ATOM   614 O OP1    . DC  B 2 9  ? -11.015 2.063   -9.740  2.00 0.06 ? 20 DC  B OP1    1 
ATOM   615 O OP2    . DC  B 2 9  ? -11.287 3.366   -7.553  2.00 0.06 ? 20 DC  B OP2    1 
ATOM   616 O "O5'"  . DC  B 2 9  ? -11.401 0.863   -7.571  2.00 0.05 ? 20 DC  B "O5'"  1 
ATOM   617 C "C5'"  . DC  B 2 9  ? -10.947 -0.445  -7.944  2.00 0.07 ? 20 DC  B "C5'"  1 
ATOM   618 C "C4'"  . DC  B 2 9  ? -11.212 -1.482  -6.852  2.00 0.06 ? 20 DC  B "C4'"  1 
ATOM   619 O "O4'"  . DC  B 2 9  ? -10.671 -1.043  -5.584  2.00 0.05 ? 20 DC  B "O4'"  1 
ATOM   620 C "C3'"  . DC  B 2 9  ? -12.699 -1.715  -6.637  2.00 0.06 ? 20 DC  B "C3'"  1 
ATOM   621 O "O3'"  . DC  B 2 9  ? -12.967 -3.122  -6.495  2.00 0.06 ? 20 DC  B "O3'"  1 
ATOM   622 C "C2'"  . DC  B 2 9  ? -13.029 -0.948  -5.374  2.00 0.04 ? 20 DC  B "C2'"  1 
ATOM   623 C "C1'"  . DC  B 2 9  ? -11.726 -1.003  -4.594  2.00 0.04 ? 20 DC  B "C1'"  1 
ATOM   624 N N1     . DC  B 2 9  ? -11.563 0.174   -3.704  2.00 0.04 ? 20 DC  B N1     1 
ATOM   625 C C2     . DC  B 2 9  ? -11.023 -0.036  -2.434  2.00 0.05 ? 20 DC  B C2     1 
ATOM   626 O O2     . DC  B 2 9  ? -10.713 -1.170  -2.061  2.00 0.05 ? 20 DC  B O2     1 
ATOM   627 N N3     . DC  B 2 9  ? -10.855 1.045   -1.620  2.00 0.06 ? 20 DC  B N3     1 
ATOM   628 C C4     . DC  B 2 9  ? -11.197 2.278   -2.021  2.00 0.06 ? 20 DC  B C4     1 
ATOM   629 N N4     . DC  B 2 9  ? -11.020 3.309   -1.194  2.00 0.07 ? 20 DC  B N4     1 
ATOM   630 C C5     . DC  B 2 9  ? -11.751 2.502   -3.319  2.00 0.05 ? 20 DC  B C5     1 
ATOM   631 C C6     . DC  B 2 9  ? -11.917 1.431   -4.125  2.00 0.04 ? 20 DC  B C6     1 
ATOM   632 H "H5'"  . DC  B 2 9  ? -9.876  -0.402  -8.131  2.00 0.09 ? 20 DC  B "H5'"  1 
ATOM   633 H "H5''" . DC  B 2 9  ? -11.454 -0.751  -8.860  2.00 0.11 ? 20 DC  B "H5''" 1 
ATOM   634 H "H4'"  . DC  B 2 9  ? -10.740 -2.424  -7.129  2.00 0.07 ? 20 DC  B "H4'"  1 
ATOM   635 H "H3'"  . DC  B 2 9  ? -13.264 -1.311  -7.485  2.00 0.07 ? 20 DC  B "H3'"  1 
ATOM   636 H "H2'"  . DC  B 2 9  ? -13.310 0.080   -5.594  2.00 0.05 ? 20 DC  B "H2'"  1 
ATOM   637 H "H2''" . DC  B 2 9  ? -13.822 -1.454  -4.826  2.00 0.05 ? 20 DC  B "H2''" 1 
ATOM   638 H "H1'"  . DC  B 2 9  ? -11.698 -1.917  -3.999  2.00 0.05 ? 20 DC  B "H1'"  1 
ATOM   639 H H41    . DC  B 2 9  ? -10.630 3.158   -0.274  2.00 0.08 ? 20 DC  B H41    1 
ATOM   640 H H42    . DC  B 2 9  ? -11.277 4.241   -1.487  2.00 0.07 ? 20 DC  B H42    1 
ATOM   641 H H5     . DC  B 2 9  ? -12.026 3.502   -3.647  2.00 0.05 ? 20 DC  B H5     1 
ATOM   642 H H6     . DC  B 2 9  ? -12.342 1.567   -5.117  2.00 0.05 ? 20 DC  B H6     1 
ATOM   643 P P      . DC  B 2 10 ? -14.360 -3.676  -5.892  2.00 0.07 ? 21 DC  B P      1 
ATOM   644 O OP1    . DC  B 2 10 ? -14.662 -4.971  -6.542  2.00 0.09 ? 21 DC  B OP1    1 
ATOM   645 O OP2    . DC  B 2 10 ? -15.358 -2.583  -5.928  2.00 0.09 ? 21 DC  B OP2    1 
ATOM   646 O "O5'"  . DC  B 2 10 ? -13.979 -3.960  -4.352  2.00 0.06 ? 21 DC  B "O5'"  1 
ATOM   647 C "C5'"  . DC  B 2 10 ? -12.911 -4.858  -4.027  2.00 0.05 ? 21 DC  B "C5'"  1 
ATOM   648 C "C4'"  . DC  B 2 10 ? -12.763 -5.055  -2.523  2.00 0.05 ? 21 DC  B "C4'"  1 
ATOM   649 O "O4'"  . DC  B 2 10 ? -12.543 -3.792  -1.848  2.00 0.06 ? 21 DC  B "O4'"  1 
ATOM   650 C "C3'"  . DC  B 2 10 ? -14.010 -5.661  -1.912  2.00 0.05 ? 21 DC  B "C3'"  1 
ATOM   651 O "O3'"  . DC  B 2 10 ? -13.664 -6.681  -0.960  2.00 0.05 ? 21 DC  B "O3'"  1 
ATOM   652 C "C2'"  . DC  B 2 10 ? -14.704 -4.514  -1.235  2.00 0.04 ? 21 DC  B "C2'"  1 
ATOM   653 C "C1'"  . DC  B 2 10 ? -13.566 -3.592  -0.838  2.00 0.04 ? 21 DC  B "C1'"  1 
ATOM   654 N N1     . DC  B 2 10 ? -13.788 -2.116  -0.773  2.00 0.04 ? 21 DC  B N1     1 
ATOM   655 C C2     . DC  B 2 10 ? -13.875 -1.482  0.487   2.00 0.05 ? 21 DC  B C2     1 
ATOM   656 O O2     . DC  B 2 10 ? -13.788 -2.114  1.546   2.00 0.05 ? 21 DC  B O2     1 
ATOM   657 N N3     . DC  B 2 10 ? -14.046 -0.127  0.506   2.00 0.05 ? 21 DC  B N3     1 
ATOM   658 C C4     . DC  B 2 10 ? -14.129 0.586   -0.623  2.00 0.05 ? 21 DC  B C4     1 
ATOM   659 N N4     . DC  B 2 10 ? -14.299 1.908   -0.543  2.00 0.06 ? 21 DC  B N4     1 
ATOM   660 C C5     . DC  B 2 10 ? -14.038 -0.047  -1.904  2.00 0.05 ? 21 DC  B C5     1 
ATOM   661 C C6     . DC  B 2 10 ? -13.869 -1.387  -1.934  2.00 0.04 ? 21 DC  B C6     1 
ATOM   662 H "H5'"  . DC  B 2 10 ? -11.978 -4.462  -4.428  2.00 0.06 ? 21 DC  B "H5'"  1 
ATOM   663 H "H5''" . DC  B 2 10 ? -13.111 -5.824  -4.483  2.00 0.06 ? 21 DC  B "H5''" 1 
ATOM   664 H "H4'"  . DC  B 2 10 ? -11.914 -5.710  -2.330  2.00 0.05 ? 21 DC  B "H4'"  1 
ATOM   665 H "H3'"  . DC  B 2 10 ? -14.664 -6.077  -2.699  2.00 0.05 ? 21 DC  B "H3'"  1 
ATOM   666 H "H2'"  . DC  B 2 10 ? -15.423 -4.019  -1.888  2.00 0.06 ? 21 DC  B "H2'"  1 
ATOM   667 H "H2''" . DC  B 2 10 ? -15.176 -4.911  -0.348  2.00 0.04 ? 21 DC  B "H2''" 1 
ATOM   668 H "H1'"  . DC  B 2 10 ? -13.206 -3.883  0.135   2.00 0.05 ? 21 DC  B "H1'"  1 
ATOM   669 H H41    . DC  B 2 10 ? -14.363 2.355   0.361   2.00 0.07 ? 21 DC  B H41    1 
ATOM   670 H H42    . DC  B 2 10 ? -14.368 2.461   -1.386  2.00 0.06 ? 21 DC  B H42    1 
ATOM   671 H H5     . DC  B 2 10 ? -14.106 0.533   -2.825  2.00 0.05 ? 21 DC  B H5     1 
ATOM   672 H H6     . DC  B 2 10 ? -13.783 -1.898  -2.895  2.00 0.05 ? 21 DC  B H6     1 
ATOM   673 P P      . DG  B 2 11 ? -14.701 -7.850  -0.560  2.00 0.07 ? 22 DG  B P      1 
ATOM   674 O OP1    . DG  B 2 11 ? -13.999 -8.803  0.329   2.00 0.09 ? 22 DG  B OP1    1 
ATOM   675 O OP2    . DG  B 2 11 ? -15.346 -8.341  -1.799  2.00 0.09 ? 22 DG  B OP2    1 
ATOM   676 O "O5'"  . DG  B 2 11 ? -15.816 -7.076  0.313   2.00 0.05 ? 22 DG  B "O5'"  1 
ATOM   677 C "C5'"  . DG  B 2 11 ? -15.465 -6.362  1.508   2.00 0.04 ? 22 DG  B "C5'"  1 
ATOM   678 C "C4'"  . DG  B 2 11 ? -16.688 -5.773  2.207   2.00 0.03 ? 22 DG  B "C4'"  1 
ATOM   679 O "O4'"  . DG  B 2 11 ? -16.563 -4.344  2.373   2.00 0.04 ? 22 DG  B "O4'"  1 
ATOM   680 C "C3'"  . DG  B 2 11 ? -17.947 -6.009  1.398   2.00 0.03 ? 22 DG  B "C3'"  1 
ATOM   681 O "O3'"  . DG  B 2 11 ? -18.728 -7.049  1.994   2.00 0.04 ? 22 DG  B "O3'"  1 
ATOM   682 C "C2'"  . DG  B 2 11 ? -18.717 -4.702  1.401   2.00 0.03 ? 22 DG  B "C2'"  1 
ATOM   683 C "C1'"  . DG  B 2 11 ? -17.871 -3.753  2.255   2.00 0.03 ? 22 DG  B "C1'"  1 
ATOM   684 N N9     . DG  B 2 11 ? -17.803 -2.367  1.697   2.00 0.03 ? 22 DG  B N9     1 
ATOM   685 C C8     . DG  B 2 11 ? -17.753 -1.916  0.405   2.00 0.03 ? 22 DG  B C8     1 
ATOM   686 N N7     . DG  B 2 11 ? -17.706 -0.644  0.220   2.00 0.03 ? 22 DG  B N7     1 
ATOM   687 C C5     . DG  B 2 11 ? -17.725 -0.159  1.525   2.00 0.03 ? 22 DG  B C5     1 
ATOM   688 C C6     . DG  B 2 11 ? -17.694 1.177   1.990   2.00 0.03 ? 22 DG  B C6     1 
ATOM   689 O O6     . DG  B 2 11 ? -17.640 2.201   1.297   2.00 0.03 ? 22 DG  B O6     1 
ATOM   690 N N1     . DG  B 2 11 ? -17.731 1.248   3.403   2.00 0.02 ? 22 DG  B N1     1 
ATOM   691 C C2     . DG  B 2 11 ? -17.786 0.173   4.247   2.00 0.03 ? 22 DG  B C2     1 
ATOM   692 N N2     . DG  B 2 11 ? -17.814 0.466   5.556   2.00 0.03 ? 22 DG  B N2     1 
ATOM   693 N N3     . DG  B 2 11 ? -17.816 -1.105  3.808   2.00 0.03 ? 22 DG  B N3     1 
ATOM   694 C C4     . DG  B 2 11 ? -17.783 -1.196  2.436   2.00 0.03 ? 22 DG  B C4     1 
ATOM   695 H "H5'"  . DG  B 2 11 ? -14.803 -5.554  1.247   2.00 0.05 ? 22 DG  B "H5'"  1 
ATOM   696 H "H5''" . DG  B 2 11 ? -14.952 -7.038  2.194   2.00 0.06 ? 22 DG  B "H5''" 1 
ATOM   697 H "H4'"  . DG  B 2 11 ? -16.800 -6.235  3.187   2.00 0.04 ? 22 DG  B "H4'"  1 
ATOM   698 H "H3'"  . DG  B 2 11 ? -17.663 -6.282  0.377   2.00 0.03 ? 22 DG  B "H3'"  1 
ATOM   699 H "HO3'" . DG  B 2 11 ? -19.463 -7.270  1.417   1.00 0.06 ? 22 DG  B "HO3'" 1 
ATOM   700 H "H2'"  . DG  B 2 11 ? -18.816 -4.330  0.387   2.00 0.04 ? 22 DG  B "H2'"  1 
ATOM   701 H "H2''" . DG  B 2 11 ? -19.702 -4.837  1.847   2.00 0.04 ? 22 DG  B "H2''" 1 
ATOM   702 H "H1'"  . DG  B 2 11 ? -18.315 -3.703  3.251   2.00 0.04 ? 22 DG  B "H1'"  1 
ATOM   703 H H8     . DG  B 2 11 ? -17.754 -2.592  -0.442  2.00 0.03 ? 22 DG  B H8     1 
ATOM   704 H H1     . DG  B 2 11 ? -17.716 2.175   3.798   2.00 0.03 ? 22 DG  B H1     1 
ATOM   705 H H21    . DG  B 2 11 ? -17.792 1.429   5.859   2.00 0.03 ? 22 DG  B H21    1 
ATOM   706 H H22    . DG  B 2 11 ? -17.859 -0.277  6.239   2.00 0.04 ? 22 DG  B H22    1 
# 
